data_5EUQ
#
_entry.id   5EUQ
#
_cell.length_a   48.900
_cell.length_b   103.490
_cell.length_c   188.940
_cell.angle_alpha   90.000
_cell.angle_beta   90.000
_cell.angle_gamma   90.000
#
_symmetry.space_group_name_H-M   'P 21 21 21'
#
loop_
_entity.id
_entity.type
_entity.pdbx_description
1 polymer 'Ras-related protein Rab-11A'
2 polymer 'Phosphatidylinositol 4-kinase beta'
3 non-polymer "GUANOSINE-5'-DIPHOSPHATE"
4 non-polymer 'SULFATE ION'
5 non-polymer ~{N}-[5-[3-[[(4-hydroxyphenyl)amino]-bis(oxidanyl)-$l^{4}-sulfanyl]-4-methoxy-phenyl]-4-methyl-1,3-thiazol-2-yl]cyclopentanecarboxamide
#
loop_
_entity_poly.entity_id
_entity_poly.type
_entity_poly.pdbx_seq_one_letter_code
_entity_poly.pdbx_strand_id
1 'polypeptide(L)'
;GSHMGTRDDEYDYLFKVVLIGDSGVGKSNLLSRFTRNEFNLESKSTIGVEFATRSIQVDGKTIKAQIWDTAGLERYRAIT
SAYYRGAVGALLVYDIAKHLTYENVERWLKELRDHADSNIVIMLVGNKSDLRHLRAVPTDEARAFAEKNGLSFIETSALD
STNVEAAFQTILTEIYRIVSQKQMSDRRENDMSPSNNVVPIHVPPTTENKPKVQCCQNI
;
B
2 'polypeptide(L)'
;GSHMQNNSAKQSWLLRLFESKLFDISMAISYLYNSKEPGVQAYIGNRLFCFRNEDVDFYLPQLLNMYIHMDEDVGDAIKP
YIVHRCRQSINFSLQCALLLGAYSSDMHISTQRHSRGTKLRKLILSDELKPANLKRTAANPKVENEDEPVRLAPEREFIK
SLMAIGKRLATLPTKEQKTQRLISELSLLNHKLPARVWLPTAGFDHHVVRVPHTQAVVLNSKDKAPYLIYVEVLECENFD
TTSVPARIPENRRDPEDPSAVALKEPWQEKVRRIREGSPYGHLPNWRLLSVIVKCGDDLRQELLAFQVLKQLQSIWEQER
VPLWIKPYKILVISADSGMIEPVVNAVSIHQVKKQSQLSLLDYFLQEHGSYTTEAFLSAQRNFVQSCAGYCLVCYLLQVK
DRHNGNILLDAEGHIIHIDFGFILSSSPRNLGFETSAFKLTTEFVDVMGGLDGDMFNYYKMLMLQGLIAARKHMDKVVQI
VEIMQQGSQLPCFHGSSTIRNLKERFHMSMTEEQLQLLVEQMVDGSMRS
;
E
#
loop_
_chem_comp.id
_chem_comp.type
_chem_comp.name
_chem_comp.formula
5S8 non-polymer ~{N}-[5-[3-[[(4-hydroxyphenyl)amino]-bis(oxidanyl)-$l^{4}-sulfanyl]-4-methoxy-phenyl]-4-methyl-1,3-thiazol-2-yl]cyclopentanecarboxamide 'C23 H27 N3 O5 S2'
GDP RNA linking GUANOSINE-5'-DIPHOSPHATE 'C10 H15 N5 O11 P2'
SO4 non-polymer 'SULFATE ION' 'O4 S -2'
#
# COMPACT_ATOMS: atom_id res chain seq x y z
N GLU A 10 28.66 36.11 -39.11
CA GLU A 10 29.83 35.38 -38.66
C GLU A 10 29.75 35.06 -37.17
N TYR A 11 30.31 33.91 -36.79
CA TYR A 11 30.56 33.60 -35.39
C TYR A 11 32.06 33.70 -35.15
N ASP A 12 32.45 34.25 -34.01
CA ASP A 12 33.86 34.52 -33.76
C ASP A 12 34.69 33.24 -33.69
N TYR A 13 34.51 32.46 -32.62
CA TYR A 13 35.28 31.24 -32.44
C TYR A 13 34.38 30.01 -32.44
N LEU A 14 34.98 28.83 -32.63
CA LEU A 14 34.24 27.58 -32.62
C LEU A 14 34.83 26.64 -31.56
N PHE A 15 34.14 26.52 -30.43
CA PHE A 15 34.61 25.67 -29.35
C PHE A 15 34.12 24.23 -29.50
N LYS A 16 34.93 23.28 -29.02
CA LYS A 16 34.52 21.88 -28.98
C LYS A 16 34.67 21.32 -27.57
N VAL A 17 33.55 21.10 -26.90
CA VAL A 17 33.56 20.50 -25.57
C VAL A 17 32.94 19.10 -25.61
N VAL A 18 33.50 18.19 -24.83
CA VAL A 18 33.04 16.80 -24.83
C VAL A 18 32.11 16.49 -23.67
N LEU A 19 31.23 15.50 -23.89
CA LEU A 19 30.37 14.97 -22.84
C LEU A 19 30.70 13.50 -22.59
N ILE A 20 31.45 13.25 -21.51
CA ILE A 20 31.84 11.90 -21.16
C ILE A 20 31.22 11.47 -19.84
N GLY A 21 31.24 10.17 -19.57
CA GLY A 21 30.69 9.63 -18.34
C GLY A 21 29.91 8.34 -18.54
N ASP A 22 29.61 7.66 -17.45
CA ASP A 22 28.83 6.42 -17.51
C ASP A 22 27.50 6.65 -18.22
N SER A 23 27.03 5.62 -18.95
CA SER A 23 25.77 5.73 -19.66
C SER A 23 24.60 5.73 -18.68
N GLY A 24 23.64 6.63 -18.90
CA GLY A 24 22.48 6.73 -18.04
C GLY A 24 22.42 8.01 -17.24
N VAL A 25 23.43 8.89 -17.41
CA VAL A 25 23.49 10.11 -16.64
C VAL A 25 22.92 11.31 -17.40
N GLY A 26 22.28 11.03 -18.53
CA GLY A 26 21.53 12.04 -19.27
C GLY A 26 22.37 13.13 -19.89
N LYS A 27 23.62 12.81 -20.24
CA LYS A 27 24.49 13.79 -20.89
C LYS A 27 23.99 14.06 -22.30
N SER A 28 23.29 13.09 -22.88
CA SER A 28 22.65 13.31 -24.17
C SER A 28 21.39 14.15 -23.99
N ASN A 29 20.86 14.15 -22.76
CA ASN A 29 19.70 14.98 -22.43
C ASN A 29 20.14 16.39 -22.05
N LEU A 30 21.24 16.50 -21.32
CA LEU A 30 21.89 17.78 -21.11
C LEU A 30 22.14 18.45 -22.45
N LEU A 31 22.62 17.65 -23.40
CA LEU A 31 22.88 18.12 -24.75
C LEU A 31 21.61 18.66 -25.39
N SER A 32 20.52 17.90 -25.27
CA SER A 32 19.24 18.29 -25.85
C SER A 32 18.70 19.57 -25.21
N ARG A 33 18.64 19.59 -23.88
CA ARG A 33 18.07 20.72 -23.15
C ARG A 33 18.83 22.02 -23.39
N PHE A 34 20.16 21.94 -23.53
CA PHE A 34 20.97 23.14 -23.66
C PHE A 34 20.85 23.77 -25.04
N THR A 35 20.73 22.93 -26.06
CA THR A 35 20.68 23.39 -27.44
C THR A 35 19.26 23.44 -27.97
N ARG A 36 18.54 22.32 -27.90
CA ARG A 36 17.20 22.24 -28.45
C ARG A 36 16.13 22.55 -27.40
N ASN A 37 16.52 22.59 -26.13
CA ASN A 37 15.59 22.83 -25.02
C ASN A 37 14.47 21.80 -24.96
N GLU A 38 14.84 20.53 -25.06
CA GLU A 38 13.87 19.45 -24.93
C GLU A 38 14.44 18.28 -24.14
N PHE A 39 13.57 17.66 -23.34
CA PHE A 39 13.94 16.54 -22.47
C PHE A 39 12.92 15.42 -22.59
N ASN A 40 13.41 14.20 -22.78
CA ASN A 40 12.54 13.04 -22.88
C ASN A 40 12.91 11.95 -21.88
N LEU A 41 11.96 11.56 -21.05
CA LEU A 41 12.18 10.52 -20.04
C LEU A 41 12.54 9.17 -20.67
N GLU A 42 11.92 8.88 -21.81
CA GLU A 42 12.17 7.62 -22.50
C GLU A 42 13.51 7.69 -23.22
N SER A 43 14.16 6.53 -23.36
CA SER A 43 15.49 6.48 -23.96
C SER A 43 15.42 6.10 -25.44
N GLY A 48 25.24 5.31 -31.01
CA GLY A 48 26.37 5.86 -31.73
C GLY A 48 26.91 7.13 -31.12
N VAL A 49 27.74 7.86 -31.88
CA VAL A 49 28.32 9.12 -31.41
C VAL A 49 27.66 10.32 -32.08
N GLU A 50 27.30 11.31 -31.28
CA GLU A 50 26.54 12.47 -31.76
C GLU A 50 27.05 13.78 -31.16
N PHE A 51 26.96 14.85 -31.94
CA PHE A 51 27.28 16.19 -31.44
C PHE A 51 26.27 17.20 -31.97
N ALA A 52 26.13 18.32 -31.25
CA ALA A 52 25.24 19.37 -31.68
C ALA A 52 25.72 20.70 -31.13
N THR A 53 25.37 21.79 -31.80
CA THR A 53 25.95 23.08 -31.48
C THR A 53 24.92 24.20 -31.41
N ARG A 54 25.12 25.08 -30.45
CA ARG A 54 24.37 26.32 -30.36
C ARG A 54 25.31 27.46 -30.01
N SER A 55 25.07 28.63 -30.57
CA SER A 55 25.97 29.77 -30.36
C SER A 55 25.49 30.70 -29.26
N ILE A 56 26.43 31.16 -28.44
CA ILE A 56 26.13 32.09 -27.35
C ILE A 56 27.11 33.25 -27.32
N GLN A 57 26.64 34.42 -26.86
CA GLN A 57 27.47 35.61 -26.81
C GLN A 57 28.26 35.68 -25.50
N VAL A 58 29.58 35.64 -25.61
CA VAL A 58 30.48 35.66 -24.46
C VAL A 58 31.55 36.74 -24.58
N ASP A 59 31.59 37.64 -23.59
CA ASP A 59 32.55 38.74 -23.57
C ASP A 59 32.47 39.60 -24.83
N GLY A 60 31.25 39.80 -25.33
CA GLY A 60 31.04 40.56 -26.54
C GLY A 60 31.46 39.79 -27.76
N LYS A 61 31.53 38.47 -27.63
CA LYS A 61 31.92 37.60 -28.74
C LYS A 61 30.85 36.56 -29.03
N THR A 62 30.80 36.08 -30.27
CA THR A 62 29.85 35.05 -30.67
C THR A 62 30.54 33.70 -30.84
N ILE A 63 30.15 32.72 -30.04
CA ILE A 63 30.82 31.43 -30.05
C ILE A 63 29.89 30.26 -30.39
N LYS A 64 30.26 29.48 -31.39
CA LYS A 64 29.55 28.25 -31.71
C LYS A 64 30.13 27.08 -30.92
N ALA A 65 29.62 26.87 -29.71
CA ALA A 65 30.07 25.79 -28.86
C ALA A 65 29.62 24.44 -29.41
N GLN A 66 30.60 23.62 -29.80
CA GLN A 66 30.31 22.33 -30.38
C GLN A 66 30.35 21.22 -29.33
N ILE A 67 29.18 20.86 -28.81
CA ILE A 67 29.09 19.84 -27.79
C ILE A 67 29.06 18.44 -28.40
N TRP A 68 30.05 17.64 -28.05
CA TRP A 68 30.11 16.26 -28.54
C TRP A 68 29.53 15.29 -27.50
N ASP A 69 29.13 14.11 -27.97
CA ASP A 69 28.46 13.13 -27.13
C ASP A 69 28.71 11.72 -27.65
N THR A 70 28.77 10.74 -26.74
CA THR A 70 29.06 9.36 -27.12
C THR A 70 28.16 8.35 -26.43
N ALA A 71 28.15 7.12 -26.94
CA ALA A 71 27.34 6.05 -26.35
C ALA A 71 28.20 4.87 -25.91
N THR A 80 38.24 6.72 -30.90
CA THR A 80 38.18 7.17 -29.50
C THR A 80 38.98 8.44 -29.29
N SER A 81 40.16 8.51 -29.90
CA SER A 81 41.00 9.70 -29.77
C SER A 81 40.49 10.83 -30.67
N ALA A 82 39.74 10.46 -31.71
CA ALA A 82 39.09 11.43 -32.59
C ALA A 82 38.01 12.17 -31.81
N TYR A 83 37.60 11.56 -30.70
CA TYR A 83 36.64 12.17 -29.79
C TYR A 83 37.29 13.36 -29.08
N TYR A 84 38.50 13.12 -28.56
CA TYR A 84 39.21 14.13 -27.79
C TYR A 84 40.07 15.05 -28.67
N ARG A 85 40.14 14.75 -29.95
CA ARG A 85 40.87 15.62 -30.88
C ARG A 85 40.13 16.94 -31.04
N GLY A 86 40.84 18.04 -30.81
CA GLY A 86 40.22 19.35 -30.89
C GLY A 86 39.37 19.66 -29.68
N ALA A 87 39.40 18.76 -28.70
CA ALA A 87 38.67 18.95 -27.45
C ALA A 87 39.16 20.20 -26.74
N VAL A 88 38.25 21.12 -26.46
CA VAL A 88 38.59 22.39 -25.83
C VAL A 88 38.28 22.35 -24.35
N GLY A 89 37.10 21.83 -24.00
CA GLY A 89 36.68 21.71 -22.62
C GLY A 89 35.99 20.39 -22.36
N ALA A 90 36.25 19.80 -21.20
CA ALA A 90 35.68 18.50 -20.85
C ALA A 90 34.54 18.61 -19.86
N LEU A 91 33.42 17.98 -20.19
CA LEU A 91 32.26 17.96 -19.31
C LEU A 91 32.04 16.59 -18.68
N LEU A 92 32.57 16.42 -17.47
CA LEU A 92 32.43 15.18 -16.73
C LEU A 92 31.08 15.14 -16.02
N VAL A 93 30.15 14.34 -16.54
CA VAL A 93 28.80 14.25 -15.99
C VAL A 93 28.57 12.99 -15.17
N TYR A 94 28.35 13.17 -13.87
CA TYR A 94 28.08 12.05 -12.98
C TYR A 94 26.65 12.14 -12.43
N ASP A 95 26.01 10.99 -12.26
CA ASP A 95 24.65 10.95 -11.70
C ASP A 95 24.70 10.97 -10.18
N ILE A 96 23.89 11.82 -9.57
CA ILE A 96 23.89 11.96 -8.12
C ILE A 96 23.11 10.83 -7.44
N ALA A 97 22.23 10.18 -8.19
CA ALA A 97 21.40 9.10 -7.65
C ALA A 97 22.11 7.75 -7.79
N LYS A 98 23.26 7.75 -8.43
CA LYS A 98 24.05 6.53 -8.60
C LYS A 98 25.49 6.79 -8.19
N HIS A 99 25.84 6.35 -6.98
CA HIS A 99 27.16 6.61 -6.39
C HIS A 99 28.30 6.06 -7.23
N LEU A 100 28.03 4.95 -7.91
CA LEU A 100 29.05 4.30 -8.75
C LEU A 100 29.50 5.22 -9.88
N THR A 101 28.59 6.06 -10.37
CA THR A 101 28.90 6.99 -11.45
C THR A 101 29.92 8.04 -11.00
N TYR A 102 29.79 8.50 -9.76
CA TYR A 102 30.74 9.43 -9.19
C TYR A 102 32.06 8.72 -8.90
N GLU A 103 31.97 7.41 -8.68
CA GLU A 103 33.15 6.60 -8.41
C GLU A 103 34.03 6.49 -9.64
N ASN A 104 33.41 6.41 -10.82
CA ASN A 104 34.14 6.22 -12.07
C ASN A 104 34.76 7.49 -12.62
N VAL A 105 34.64 8.59 -11.90
CA VAL A 105 35.22 9.87 -12.34
C VAL A 105 36.73 9.76 -12.46
N GLU A 106 37.32 8.97 -11.56
CA GLU A 106 38.76 8.72 -11.61
C GLU A 106 39.12 7.92 -12.85
N ARG A 107 38.25 6.98 -13.23
CA ARG A 107 38.45 6.19 -14.44
C ARG A 107 38.17 7.04 -15.68
N TRP A 108 37.41 8.11 -15.49
CA TRP A 108 37.08 9.01 -16.59
C TRP A 108 38.11 10.13 -16.74
N LEU A 109 38.81 10.44 -15.65
CA LEU A 109 39.94 11.35 -15.73
C LEU A 109 41.10 10.67 -16.45
N LYS A 110 41.34 9.40 -16.10
CA LYS A 110 42.36 8.60 -16.76
C LYS A 110 42.14 8.57 -18.27
N GLU A 111 40.90 8.35 -18.69
CA GLU A 111 40.54 8.37 -20.10
C GLU A 111 40.84 9.76 -20.69
N LEU A 112 40.68 10.79 -19.86
CA LEU A 112 41.02 12.16 -20.25
C LEU A 112 42.52 12.38 -20.23
N ARG A 113 43.16 11.92 -19.15
CA ARG A 113 44.60 12.02 -19.01
C ARG A 113 45.32 11.37 -20.19
N ASP A 114 44.78 10.25 -20.66
CA ASP A 114 45.41 9.48 -21.73
C ASP A 114 45.15 10.06 -23.12
N HIS A 115 43.92 10.50 -23.37
CA HIS A 115 43.51 10.90 -24.72
C HIS A 115 43.23 12.40 -24.87
N ALA A 116 42.85 13.06 -23.78
CA ALA A 116 42.43 14.45 -23.86
C ALA A 116 43.62 15.40 -23.86
N ASP A 117 43.42 16.56 -24.47
CA ASP A 117 44.43 17.61 -24.48
C ASP A 117 44.69 18.10 -23.05
N SER A 118 45.96 18.24 -22.70
CA SER A 118 46.33 18.65 -21.35
C SER A 118 45.77 20.02 -20.98
N ASN A 119 45.51 20.85 -21.98
CA ASN A 119 45.01 22.20 -21.75
C ASN A 119 43.52 22.28 -21.40
N ILE A 120 42.76 21.27 -21.84
CA ILE A 120 41.29 21.30 -21.73
C ILE A 120 40.78 21.60 -20.32
N VAL A 121 39.76 22.43 -20.24
CA VAL A 121 39.16 22.80 -18.95
C VAL A 121 38.07 21.80 -18.56
N ILE A 122 38.22 21.21 -17.38
CA ILE A 122 37.28 20.21 -16.90
C ILE A 122 36.28 20.78 -15.90
N MET A 123 35.00 20.58 -16.17
CA MET A 123 33.96 20.98 -15.23
C MET A 123 33.12 19.79 -14.82
N LEU A 124 33.16 19.45 -13.54
CA LEU A 124 32.44 18.31 -13.00
C LEU A 124 30.94 18.60 -12.90
N VAL A 125 30.13 17.73 -13.49
CA VAL A 125 28.69 17.95 -13.54
C VAL A 125 27.90 16.90 -12.77
N GLY A 126 27.13 17.33 -11.78
CA GLY A 126 26.23 16.45 -11.07
C GLY A 126 24.81 16.60 -11.61
N ASN A 127 24.43 15.74 -12.53
CA ASN A 127 23.13 15.84 -13.19
C ASN A 127 22.03 15.09 -12.45
N LYS A 128 20.78 15.33 -12.87
CA LYS A 128 19.62 14.68 -12.27
C LYS A 128 19.45 15.15 -10.83
N SER A 129 19.56 16.46 -10.62
CA SER A 129 19.48 17.04 -9.28
C SER A 129 18.04 17.14 -8.78
N ASP A 130 17.08 16.97 -9.70
CA ASP A 130 15.67 16.98 -9.35
C ASP A 130 15.32 15.78 -8.47
N LEU A 131 16.13 14.73 -8.58
CA LEU A 131 15.97 13.53 -7.76
C LEU A 131 16.49 13.77 -6.34
N ARG A 132 15.94 14.79 -5.66
CA ARG A 132 16.42 15.19 -4.34
C ARG A 132 16.34 14.05 -3.31
N HIS A 133 15.25 13.30 -3.36
CA HIS A 133 15.00 12.25 -2.37
C HIS A 133 15.76 10.97 -2.69
N LEU A 134 16.41 10.93 -3.86
CA LEU A 134 17.19 9.77 -4.27
C LEU A 134 18.68 10.07 -4.31
N ARG A 135 19.07 11.19 -3.70
CA ARG A 135 20.47 11.62 -3.73
C ARG A 135 21.38 10.58 -3.11
N ALA A 136 22.38 10.15 -3.89
CA ALA A 136 23.37 9.19 -3.42
C ALA A 136 24.74 9.85 -3.33
N VAL A 137 24.89 11.00 -3.97
CA VAL A 137 26.14 11.74 -3.97
C VAL A 137 26.01 13.08 -3.24
N PRO A 138 26.83 13.28 -2.21
CA PRO A 138 26.83 14.51 -1.41
C PRO A 138 27.22 15.73 -2.24
N THR A 139 26.40 16.77 -2.16
CA THR A 139 26.62 17.99 -2.93
C THR A 139 27.90 18.70 -2.49
N ASP A 140 28.20 18.64 -1.20
CA ASP A 140 29.38 19.30 -0.67
C ASP A 140 30.64 18.50 -0.97
N GLU A 141 30.57 17.19 -0.83
CA GLU A 141 31.72 16.33 -1.03
C GLU A 141 32.21 16.34 -2.48
N ALA A 142 31.29 16.15 -3.42
CA ALA A 142 31.64 16.13 -4.83
C ALA A 142 32.23 17.46 -5.26
N ARG A 143 31.88 18.52 -4.54
CA ARG A 143 32.43 19.84 -4.81
C ARG A 143 33.85 19.94 -4.25
N ALA A 144 34.16 19.06 -3.30
CA ALA A 144 35.49 19.01 -2.71
C ALA A 144 36.49 18.34 -3.64
N PHE A 145 36.03 17.33 -4.36
CA PHE A 145 36.86 16.63 -5.33
C PHE A 145 37.24 17.58 -6.47
N ALA A 146 36.43 18.60 -6.68
CA ALA A 146 36.70 19.61 -7.69
C ALA A 146 37.93 20.44 -7.31
N GLU A 147 38.06 20.73 -6.02
CA GLU A 147 39.17 21.55 -5.53
C GLU A 147 40.48 20.77 -5.50
N LYS A 148 40.39 19.49 -5.12
CA LYS A 148 41.58 18.63 -5.11
C LYS A 148 42.14 18.48 -6.52
N ASN A 149 41.26 18.57 -7.52
CA ASN A 149 41.66 18.51 -8.91
C ASN A 149 41.63 19.89 -9.56
N GLY A 150 41.21 20.90 -8.79
CA GLY A 150 41.23 22.27 -9.23
C GLY A 150 40.32 22.57 -10.40
N LEU A 151 39.27 21.77 -10.57
CA LEU A 151 38.32 21.95 -11.66
C LEU A 151 37.02 22.55 -11.16
N SER A 152 36.34 23.30 -12.03
CA SER A 152 35.07 23.91 -11.66
C SER A 152 33.99 22.84 -11.49
N PHE A 153 33.00 23.13 -10.63
CA PHE A 153 31.97 22.15 -10.29
C PHE A 153 30.57 22.77 -10.29
N ILE A 154 29.60 21.98 -10.72
CA ILE A 154 28.20 22.41 -10.71
C ILE A 154 27.23 21.23 -10.88
N GLU A 155 26.13 21.26 -10.11
CA GLU A 155 25.10 20.24 -10.21
C GLU A 155 23.93 20.73 -11.08
N THR A 156 23.49 19.90 -12.01
CA THR A 156 22.48 20.32 -12.99
C THR A 156 21.32 19.35 -13.09
N SER A 157 20.30 19.74 -13.86
CA SER A 157 19.13 18.91 -14.07
C SER A 157 18.46 19.23 -15.41
N ALA A 158 18.44 18.25 -16.29
CA ALA A 158 17.88 18.44 -17.62
C ALA A 158 16.35 18.41 -17.62
N LEU A 159 15.76 17.91 -16.55
CA LEU A 159 14.31 17.75 -16.48
C LEU A 159 13.60 19.07 -16.18
N ASP A 160 14.26 19.94 -15.42
CA ASP A 160 13.70 21.25 -15.08
C ASP A 160 14.60 22.39 -15.57
N SER A 161 15.69 22.02 -16.23
CA SER A 161 16.64 22.98 -16.81
C SER A 161 17.32 23.85 -15.75
N THR A 162 17.53 23.29 -14.56
CA THR A 162 18.19 24.02 -13.48
C THR A 162 19.70 23.97 -13.58
N ASN A 163 20.31 25.14 -13.76
CA ASN A 163 21.76 25.25 -13.90
C ASN A 163 22.26 24.57 -15.17
N VAL A 164 21.37 24.40 -16.15
CA VAL A 164 21.74 23.79 -17.42
C VAL A 164 22.55 24.76 -18.29
N GLU A 165 21.92 25.86 -18.70
CA GLU A 165 22.59 26.87 -19.50
C GLU A 165 23.79 27.45 -18.77
N ALA A 166 23.74 27.39 -17.44
CA ALA A 166 24.80 27.95 -16.61
C ALA A 166 26.07 27.11 -16.70
N ALA A 167 25.91 25.80 -16.85
CA ALA A 167 27.07 24.90 -16.94
C ALA A 167 27.92 25.21 -18.17
N PHE A 168 27.27 25.29 -19.34
CA PHE A 168 27.97 25.63 -20.56
C PHE A 168 28.34 27.11 -20.59
N GLN A 169 27.54 27.94 -19.93
CA GLN A 169 27.81 29.36 -19.87
C GLN A 169 29.12 29.63 -19.15
N THR A 170 29.48 28.75 -18.23
CA THR A 170 30.70 28.91 -17.47
C THR A 170 31.87 28.22 -18.15
N ILE A 171 31.64 27.00 -18.62
CA ILE A 171 32.67 26.24 -19.32
C ILE A 171 33.12 27.01 -20.57
N LEU A 172 32.16 27.48 -21.36
CA LEU A 172 32.47 28.26 -22.55
C LEU A 172 33.09 29.61 -22.19
N THR A 173 32.65 30.20 -21.10
CA THR A 173 33.26 31.46 -20.64
C THR A 173 34.67 31.18 -20.12
N GLU A 174 34.81 30.15 -19.27
CA GLU A 174 36.10 29.82 -18.67
C GLU A 174 37.10 29.28 -19.69
N ILE A 175 36.63 28.93 -20.88
CA ILE A 175 37.52 28.55 -21.98
C ILE A 175 38.06 29.80 -22.69
N TYR A 176 39.25 30.24 -22.27
CA TYR A 176 39.90 31.43 -22.83
C TYR A 176 41.38 31.45 -22.51
N SER B 12 7.66 15.58 -25.24
CA SER B 12 7.64 14.76 -24.03
C SER B 12 6.29 14.84 -23.34
N TRP B 13 5.32 14.12 -23.90
CA TRP B 13 3.99 14.08 -23.31
C TRP B 13 4.03 13.42 -21.93
N LEU B 14 4.90 12.42 -21.80
CA LEU B 14 4.97 11.62 -20.58
C LEU B 14 5.25 12.49 -19.35
N LEU B 15 6.25 13.35 -19.44
CA LEU B 15 6.59 14.24 -18.34
C LEU B 15 5.46 15.22 -18.06
N ARG B 16 4.70 15.57 -19.09
CA ARG B 16 3.53 16.43 -18.93
C ARG B 16 2.48 15.71 -18.10
N LEU B 17 2.54 14.38 -18.13
CA LEU B 17 1.60 13.56 -17.38
C LEU B 17 2.00 13.44 -15.92
N PHE B 18 3.26 13.10 -15.69
CA PHE B 18 3.77 12.94 -14.33
C PHE B 18 3.73 14.26 -13.57
N GLU B 19 4.09 15.34 -14.25
CA GLU B 19 4.04 16.67 -13.66
C GLU B 19 2.61 17.12 -13.43
N SER B 20 1.67 16.51 -14.16
CA SER B 20 0.26 16.88 -14.09
C SER B 20 -0.37 16.59 -12.73
N LYS B 21 -1.53 17.19 -12.48
CA LYS B 21 -2.30 16.92 -11.28
C LYS B 21 -2.92 15.52 -11.37
N LEU B 22 -3.02 15.04 -12.61
CA LEU B 22 -3.56 13.72 -12.91
C LEU B 22 -2.75 12.61 -12.27
N PHE B 23 -1.49 12.91 -11.97
CA PHE B 23 -0.57 11.92 -11.44
C PHE B 23 -0.80 11.67 -9.96
N ASP B 24 -1.28 10.47 -9.61
CA ASP B 24 -1.50 10.10 -8.21
C ASP B 24 -0.68 8.86 -7.86
N ILE B 25 -0.89 8.33 -6.66
CA ILE B 25 -0.13 7.17 -6.19
C ILE B 25 -0.47 5.93 -7.00
N SER B 26 -1.72 5.84 -7.42
CA SER B 26 -2.20 4.71 -8.22
C SER B 26 -1.43 4.62 -9.54
N MET B 27 -1.56 5.67 -10.35
CA MET B 27 -0.90 5.71 -11.65
C MET B 27 0.62 5.65 -11.53
N ALA B 28 1.15 6.20 -10.45
CA ALA B 28 2.57 6.11 -10.16
C ALA B 28 3.00 4.64 -10.08
N ILE B 29 2.20 3.81 -9.42
CA ILE B 29 2.53 2.40 -9.30
C ILE B 29 2.30 1.68 -10.63
N SER B 30 1.32 2.16 -11.39
CA SER B 30 0.96 1.56 -12.68
C SER B 30 2.10 1.64 -13.69
N TYR B 31 2.77 2.79 -13.73
CA TYR B 31 3.89 2.99 -14.63
C TYR B 31 5.13 2.26 -14.12
N LEU B 32 5.33 2.29 -12.81
CA LEU B 32 6.44 1.57 -12.20
C LEU B 32 6.30 0.07 -12.40
N TYR B 33 5.08 -0.37 -12.68
CA TYR B 33 4.76 -1.78 -12.89
C TYR B 33 5.01 -2.22 -14.33
N ASN B 34 4.99 -1.27 -15.26
CA ASN B 34 5.12 -1.59 -16.67
C ASN B 34 6.41 -1.08 -17.30
N SER B 35 6.75 0.17 -17.04
CA SER B 35 7.90 0.82 -17.66
C SER B 35 9.21 0.08 -17.37
N LYS B 36 9.92 -0.27 -18.44
CA LYS B 36 11.26 -0.85 -18.31
C LYS B 36 12.30 0.25 -18.49
N GLU B 37 11.84 1.50 -18.39
CA GLU B 37 12.70 2.67 -18.50
C GLU B 37 13.29 3.05 -17.15
N PRO B 38 14.58 2.74 -16.94
CA PRO B 38 15.29 3.05 -15.70
C PRO B 38 15.26 4.54 -15.36
N GLY B 39 15.21 5.39 -16.38
CA GLY B 39 15.12 6.82 -16.18
C GLY B 39 13.75 7.19 -15.64
N VAL B 40 12.74 6.43 -16.05
CA VAL B 40 11.37 6.66 -15.59
C VAL B 40 11.16 6.05 -14.20
N GLN B 41 11.67 4.84 -14.01
CA GLN B 41 11.56 4.15 -12.73
C GLN B 41 12.14 4.98 -11.59
N ALA B 42 13.30 5.57 -11.83
CA ALA B 42 13.98 6.36 -10.81
C ALA B 42 13.24 7.67 -10.56
N TYR B 43 12.56 8.18 -11.57
CA TYR B 43 11.81 9.43 -11.41
C TYR B 43 10.60 9.23 -10.51
N ILE B 44 9.88 8.14 -10.73
CA ILE B 44 8.70 7.82 -9.94
C ILE B 44 9.07 7.50 -8.51
N GLY B 45 10.16 6.79 -8.33
CA GLY B 45 10.64 6.43 -7.00
C GLY B 45 10.94 7.66 -6.17
N ASN B 46 11.07 8.79 -6.86
CA ASN B 46 11.31 10.07 -6.20
C ASN B 46 10.00 10.74 -5.82
N ARG B 47 8.99 10.57 -6.67
CA ARG B 47 7.70 11.21 -6.46
C ARG B 47 6.95 10.63 -5.27
N LEU B 48 7.34 9.42 -4.86
CA LEU B 48 6.70 8.75 -3.73
C LEU B 48 6.78 9.57 -2.47
N PHE B 49 7.92 10.24 -2.28
CA PHE B 49 8.13 11.09 -1.11
C PHE B 49 7.20 12.29 -1.14
N CYS B 50 6.65 12.59 -2.32
CA CYS B 50 5.83 13.78 -2.50
C CYS B 50 4.34 13.48 -2.28
N PHE B 51 4.03 12.22 -2.02
CA PHE B 51 2.66 11.80 -1.72
C PHE B 51 2.38 11.84 -0.22
N ARG B 52 1.11 11.89 0.14
CA ARG B 52 0.69 11.73 1.53
C ARG B 52 1.14 10.36 2.01
N ASN B 53 1.63 10.29 3.24
CA ASN B 53 2.07 9.02 3.80
C ASN B 53 0.92 8.01 3.87
N GLU B 54 -0.30 8.51 4.04
CA GLU B 54 -1.47 7.65 4.11
C GLU B 54 -1.81 6.98 2.78
N ASP B 55 -1.73 7.75 1.69
CA ASP B 55 -2.15 7.29 0.38
C ASP B 55 -1.26 6.19 -0.19
N VAL B 56 0.05 6.31 0.04
CA VAL B 56 0.99 5.29 -0.40
C VAL B 56 0.83 4.05 0.47
N ASP B 57 0.43 4.26 1.71
CA ASP B 57 0.24 3.17 2.67
C ASP B 57 -0.71 2.09 2.16
N PHE B 58 -1.85 2.50 1.63
CA PHE B 58 -2.84 1.55 1.11
C PHE B 58 -2.26 0.59 0.10
N TYR B 59 -1.25 1.05 -0.64
CA TYR B 59 -0.64 0.26 -1.69
C TYR B 59 0.69 -0.36 -1.26
N LEU B 60 0.98 -0.33 0.04
CA LEU B 60 2.23 -0.90 0.56
C LEU B 60 2.39 -2.38 0.20
N PRO B 61 1.32 -3.19 0.37
CA PRO B 61 1.40 -4.59 -0.03
C PRO B 61 1.74 -4.74 -1.51
N GLN B 62 1.19 -3.86 -2.34
CA GLN B 62 1.50 -3.84 -3.76
C GLN B 62 2.99 -3.55 -4.00
N LEU B 63 3.45 -2.43 -3.45
CA LEU B 63 4.83 -1.97 -3.65
C LEU B 63 5.85 -2.99 -3.15
N LEU B 64 5.63 -3.49 -1.95
CA LEU B 64 6.51 -4.47 -1.32
C LEU B 64 6.47 -5.80 -2.05
N ASN B 65 5.40 -6.05 -2.79
CA ASN B 65 5.29 -7.27 -3.59
C ASN B 65 6.05 -7.13 -4.90
N MET B 66 6.13 -5.91 -5.42
CA MET B 66 6.86 -5.64 -6.65
C MET B 66 8.35 -5.69 -6.37
N TYR B 67 8.72 -5.22 -5.19
CA TYR B 67 10.09 -5.28 -4.70
C TYR B 67 10.63 -6.71 -4.72
N ILE B 68 9.81 -7.65 -4.28
CA ILE B 68 10.26 -9.02 -4.08
C ILE B 68 10.27 -9.83 -5.38
N HIS B 69 9.16 -9.79 -6.10
CA HIS B 69 8.95 -10.71 -7.22
C HIS B 69 9.04 -10.03 -8.59
N MET B 70 9.93 -9.06 -8.73
CA MET B 70 10.14 -8.43 -10.03
C MET B 70 11.59 -8.09 -10.30
N ASP B 71 11.83 -7.59 -11.51
CA ASP B 71 13.16 -7.16 -11.94
C ASP B 71 13.82 -6.32 -10.85
N GLU B 72 15.09 -6.59 -10.58
CA GLU B 72 15.84 -5.88 -9.55
C GLU B 72 15.84 -4.38 -9.83
N ASP B 73 15.49 -4.02 -11.05
CA ASP B 73 15.47 -2.63 -11.48
C ASP B 73 14.23 -1.88 -10.99
N VAL B 74 13.31 -2.62 -10.39
CA VAL B 74 12.09 -2.03 -9.85
C VAL B 74 12.14 -1.96 -8.33
N GLY B 75 12.75 -2.99 -7.73
CA GLY B 75 12.86 -3.07 -6.29
C GLY B 75 13.74 -1.97 -5.71
N ASP B 76 14.81 -1.64 -6.43
CA ASP B 76 15.74 -0.62 -5.97
C ASP B 76 15.15 0.78 -6.09
N ALA B 77 14.16 0.93 -6.95
CA ALA B 77 13.49 2.21 -7.13
C ALA B 77 12.51 2.48 -5.98
N ILE B 78 12.10 1.42 -5.32
CA ILE B 78 11.14 1.51 -4.22
C ILE B 78 11.86 1.50 -2.86
N LYS B 79 13.00 0.82 -2.83
CA LYS B 79 13.76 0.61 -1.59
C LYS B 79 14.05 1.89 -0.78
N PRO B 80 14.44 2.99 -1.45
CA PRO B 80 14.77 4.23 -0.73
C PRO B 80 13.57 4.81 0.01
N TYR B 81 12.43 4.87 -0.64
CA TYR B 81 11.23 5.43 -0.02
C TYR B 81 10.80 4.59 1.17
N ILE B 82 10.96 3.27 1.05
CA ILE B 82 10.64 2.35 2.13
C ILE B 82 11.48 2.64 3.36
N VAL B 83 12.79 2.67 3.17
CA VAL B 83 13.74 2.86 4.27
C VAL B 83 13.60 4.26 4.89
N HIS B 84 13.09 5.21 4.13
CA HIS B 84 12.83 6.53 4.67
C HIS B 84 11.68 6.47 5.66
N ARG B 85 10.63 5.75 5.30
CA ARG B 85 9.45 5.63 6.15
C ARG B 85 9.71 4.66 7.30
N CYS B 86 10.50 3.62 7.03
CA CYS B 86 10.92 2.71 8.08
C CYS B 86 11.70 3.47 9.15
N ARG B 87 12.50 4.44 8.73
CA ARG B 87 13.26 5.26 9.65
C ARG B 87 12.36 6.22 10.43
N GLN B 88 11.26 6.64 9.82
CA GLN B 88 10.35 7.58 10.46
C GLN B 88 9.45 6.89 11.49
N SER B 89 8.71 5.89 11.02
CA SER B 89 7.71 5.24 11.85
C SER B 89 8.15 3.84 12.30
N ILE B 90 8.16 3.63 13.62
CA ILE B 90 8.43 2.32 14.19
C ILE B 90 7.39 1.31 13.72
N ASN B 91 6.13 1.76 13.66
CA ASN B 91 5.05 0.91 13.17
C ASN B 91 5.28 0.50 11.72
N PHE B 92 5.56 1.47 10.87
CA PHE B 92 5.81 1.20 9.46
C PHE B 92 6.95 0.18 9.31
N SER B 93 8.01 0.38 10.08
CA SER B 93 9.14 -0.55 10.09
C SER B 93 8.65 -1.97 10.33
N LEU B 94 7.78 -2.11 11.32
CA LEU B 94 7.26 -3.42 11.70
C LEU B 94 6.51 -4.08 10.55
N GLN B 95 5.52 -3.38 10.00
CA GLN B 95 4.66 -3.96 8.99
C GLN B 95 5.42 -4.26 7.69
N CYS B 96 6.55 -3.58 7.49
CA CYS B 96 7.43 -3.90 6.37
C CYS B 96 8.04 -5.27 6.54
N ALA B 97 8.60 -5.51 7.72
CA ALA B 97 9.23 -6.78 8.04
C ALA B 97 8.23 -7.92 7.90
N LEU B 98 7.06 -7.74 8.50
CA LEU B 98 6.00 -8.76 8.48
C LEU B 98 5.64 -9.15 7.06
N LEU B 99 5.38 -8.14 6.22
CA LEU B 99 4.98 -8.37 4.84
C LEU B 99 6.10 -9.04 4.04
N LEU B 100 7.31 -8.49 4.14
CA LEU B 100 8.47 -8.99 3.40
C LEU B 100 8.72 -10.48 3.63
N GLY B 101 8.49 -10.94 4.85
CA GLY B 101 8.69 -12.33 5.20
C GLY B 101 7.53 -13.22 4.76
N ALA B 102 6.31 -12.72 4.91
CA ALA B 102 5.11 -13.49 4.60
C ALA B 102 4.92 -13.70 3.10
N TYR B 103 5.54 -12.82 2.30
CA TYR B 103 5.38 -12.87 0.85
C TYR B 103 6.63 -13.38 0.13
N SER B 104 7.63 -13.84 0.88
CA SER B 104 8.85 -14.33 0.29
C SER B 104 8.85 -15.85 0.16
N SER B 105 8.87 -16.35 -1.08
CA SER B 105 8.92 -17.77 -1.36
C SER B 105 9.00 -18.05 -2.86
N ARG B 116 13.68 -12.46 -1.54
CA ARG B 116 14.64 -11.45 -1.96
C ARG B 116 14.90 -10.45 -0.84
N GLY B 117 13.87 -9.69 -0.47
CA GLY B 117 14.03 -8.62 0.52
C GLY B 117 14.25 -9.09 1.95
N THR B 118 14.80 -10.29 2.08
CA THR B 118 15.09 -10.85 3.38
C THR B 118 16.20 -10.07 4.08
N LYS B 119 17.17 -9.60 3.30
CA LYS B 119 18.27 -8.79 3.83
C LYS B 119 17.74 -7.53 4.50
N LEU B 120 16.83 -6.82 3.83
CA LEU B 120 16.23 -5.61 4.37
C LEU B 120 15.39 -5.92 5.60
N ARG B 121 14.63 -7.00 5.54
CA ARG B 121 13.81 -7.44 6.66
C ARG B 121 14.66 -7.60 7.91
N LYS B 122 15.84 -8.21 7.76
CA LYS B 122 16.74 -8.42 8.89
C LYS B 122 17.33 -7.11 9.37
N LEU B 123 17.38 -6.13 8.46
CA LEU B 123 17.85 -4.79 8.80
C LEU B 123 16.80 -4.06 9.63
N ILE B 124 15.54 -4.20 9.25
CA ILE B 124 14.45 -3.59 9.99
C ILE B 124 14.46 -4.06 11.43
N LEU B 125 14.71 -5.37 11.61
CA LEU B 125 14.73 -5.96 12.94
C LEU B 125 16.09 -5.72 13.60
N SER B 126 16.96 -4.99 12.91
CA SER B 126 18.31 -4.69 13.39
C SER B 126 18.66 -3.21 13.21
N ARG B 151 14.65 -2.53 19.70
CA ARG B 151 13.57 -1.55 19.62
C ARG B 151 12.24 -2.24 19.38
N LEU B 152 12.18 -3.05 18.32
CA LEU B 152 10.98 -3.81 18.00
C LEU B 152 10.92 -5.09 18.82
N ALA B 153 11.87 -5.24 19.74
CA ALA B 153 11.96 -6.46 20.54
C ALA B 153 10.70 -6.71 21.36
N PRO B 154 10.27 -5.72 22.15
CA PRO B 154 9.05 -5.82 22.96
C PRO B 154 7.79 -6.13 22.14
N GLU B 155 7.70 -5.54 20.95
CA GLU B 155 6.55 -5.76 20.09
C GLU B 155 6.53 -7.18 19.52
N ARG B 156 7.67 -7.65 19.06
CA ARG B 156 7.77 -8.99 18.50
C ARG B 156 7.57 -10.02 19.60
N GLU B 157 8.03 -9.70 20.81
CA GLU B 157 7.78 -10.55 21.96
C GLU B 157 6.27 -10.69 22.19
N PHE B 158 5.58 -9.57 22.12
CA PHE B 158 4.14 -9.53 22.36
C PHE B 158 3.36 -10.31 21.30
N ILE B 159 3.81 -10.23 20.05
CA ILE B 159 3.17 -10.96 18.96
C ILE B 159 3.36 -12.47 19.11
N LYS B 160 4.62 -12.88 19.32
CA LYS B 160 4.93 -14.29 19.52
C LYS B 160 4.14 -14.87 20.69
N SER B 161 4.09 -14.12 21.79
CA SER B 161 3.35 -14.54 22.97
C SER B 161 1.90 -14.82 22.63
N LEU B 162 1.30 -13.92 21.85
CA LEU B 162 -0.08 -14.11 21.42
C LEU B 162 -0.21 -15.35 20.54
N MET B 163 0.64 -15.45 19.53
CA MET B 163 0.59 -16.58 18.61
C MET B 163 0.82 -17.92 19.31
N ALA B 164 1.69 -17.93 20.31
CA ALA B 164 2.00 -19.15 21.05
C ALA B 164 0.78 -19.60 21.86
N ILE B 165 0.10 -18.63 22.46
CA ILE B 165 -1.09 -18.89 23.26
C ILE B 165 -2.14 -19.71 22.51
N GLY B 166 -2.39 -19.35 21.24
CA GLY B 166 -3.38 -20.04 20.44
C GLY B 166 -2.91 -21.42 20.00
N LYS B 167 -1.60 -21.60 19.97
CA LYS B 167 -1.02 -22.90 19.65
C LYS B 167 -1.37 -23.94 20.70
N ARG B 168 -1.12 -23.61 21.96
CA ARG B 168 -1.31 -24.56 23.05
C ARG B 168 -2.77 -24.91 23.29
N LEU B 169 -3.67 -24.18 22.63
CA LEU B 169 -5.10 -24.44 22.77
C LEU B 169 -5.55 -25.57 21.86
N ALA B 170 -4.62 -26.14 21.12
CA ALA B 170 -4.93 -27.21 20.18
C ALA B 170 -5.26 -28.51 20.89
N THR B 171 -4.67 -28.71 22.08
CA THR B 171 -4.91 -29.93 22.86
C THR B 171 -6.33 -29.99 23.41
N LEU B 172 -6.74 -28.92 24.08
CA LEU B 172 -8.09 -28.82 24.61
C LEU B 172 -9.09 -28.77 23.45
N PRO B 173 -9.87 -29.85 23.28
CA PRO B 173 -10.70 -30.09 22.10
C PRO B 173 -12.06 -29.38 22.08
N THR B 174 -12.53 -28.90 23.23
CA THR B 174 -13.80 -28.20 23.23
C THR B 174 -13.58 -26.69 23.22
N LYS B 175 -14.56 -25.96 22.74
CA LYS B 175 -14.50 -24.51 22.71
C LYS B 175 -14.33 -23.95 24.12
N GLU B 176 -15.11 -24.48 25.05
CA GLU B 176 -15.11 -23.98 26.42
C GLU B 176 -13.78 -24.24 27.14
N GLN B 177 -13.18 -25.40 26.90
CA GLN B 177 -11.88 -25.72 27.48
C GLN B 177 -10.79 -24.78 26.96
N LYS B 178 -10.85 -24.48 25.66
CA LYS B 178 -9.91 -23.57 25.03
C LYS B 178 -9.96 -22.17 25.66
N THR B 179 -11.16 -21.70 25.97
CA THR B 179 -11.34 -20.38 26.56
C THR B 179 -10.79 -20.28 27.98
N GLN B 180 -10.95 -21.35 28.75
CA GLN B 180 -10.52 -21.37 30.15
C GLN B 180 -9.01 -21.24 30.27
N ARG B 181 -8.29 -21.96 29.40
CA ARG B 181 -6.84 -21.87 29.39
C ARG B 181 -6.40 -20.49 28.91
N LEU B 182 -7.05 -20.01 27.86
CA LEU B 182 -6.73 -18.71 27.28
C LEU B 182 -6.82 -17.60 28.33
N ILE B 183 -7.93 -17.56 29.06
CA ILE B 183 -8.15 -16.52 30.06
C ILE B 183 -7.06 -16.54 31.13
N SER B 184 -6.64 -17.72 31.56
CA SER B 184 -5.52 -17.81 32.50
C SER B 184 -4.22 -17.52 31.77
N GLU B 185 -4.16 -17.89 30.49
CA GLU B 185 -2.95 -17.71 29.69
C GLU B 185 -2.70 -16.23 29.43
N LEU B 186 -3.78 -15.45 29.29
CA LEU B 186 -3.66 -14.02 29.07
C LEU B 186 -3.40 -13.27 30.38
N SER B 187 -3.88 -13.84 31.49
CA SER B 187 -3.68 -13.24 32.80
C SER B 187 -2.19 -13.12 33.12
N LEU B 188 -1.39 -13.96 32.48
CA LEU B 188 0.06 -13.93 32.65
C LEU B 188 0.65 -12.72 31.93
N LEU B 189 -0.01 -12.29 30.87
CA LEU B 189 0.49 -11.21 30.03
C LEU B 189 0.61 -9.90 30.82
N ASN B 190 -0.35 -9.63 31.70
CA ASN B 190 -0.38 -8.36 32.40
C ASN B 190 0.73 -8.21 33.43
N HIS B 191 1.62 -9.20 33.51
CA HIS B 191 2.72 -9.15 34.46
C HIS B 191 3.93 -8.40 33.89
N LYS B 192 3.92 -8.14 32.58
CA LYS B 192 4.97 -7.32 31.98
C LYS B 192 4.36 -6.18 31.16
N LEU B 193 3.22 -5.69 31.62
CA LEU B 193 2.60 -4.50 31.05
C LEU B 193 2.56 -3.37 32.07
N PRO B 194 2.60 -2.12 31.60
CA PRO B 194 2.63 -1.82 30.16
C PRO B 194 4.01 -2.05 29.54
N ALA B 195 4.06 -2.09 28.22
CA ALA B 195 5.32 -2.22 27.48
C ALA B 195 5.23 -1.50 26.13
N ARG B 196 6.37 -1.31 25.48
CA ARG B 196 6.40 -0.69 24.17
C ARG B 196 5.68 -1.58 23.15
N VAL B 197 4.39 -1.78 23.37
CA VAL B 197 3.58 -2.62 22.51
C VAL B 197 2.31 -1.90 22.05
N TRP B 198 1.90 -2.20 20.82
CA TRP B 198 0.73 -1.56 20.22
C TRP B 198 0.01 -2.52 19.28
N LEU B 199 -1.27 -2.30 19.07
CA LEU B 199 -2.03 -3.04 18.07
C LEU B 199 -2.03 -2.28 16.76
N PRO B 200 -1.26 -2.77 15.76
CA PRO B 200 -1.21 -2.19 14.42
C PRO B 200 -2.61 -2.00 13.84
N THR B 201 -3.51 -2.92 14.18
CA THR B 201 -4.89 -2.87 13.73
C THR B 201 -5.59 -1.58 14.14
N ALA B 202 -5.05 -0.90 15.15
CA ALA B 202 -5.63 0.35 15.61
C ALA B 202 -5.33 1.47 14.62
N GLY B 203 -6.19 2.49 14.60
CA GLY B 203 -6.03 3.59 13.67
C GLY B 203 -5.30 4.78 14.27
N PHE B 204 -4.73 4.58 15.45
CA PHE B 204 -4.02 5.66 16.15
C PHE B 204 -2.82 5.13 16.95
N ASP B 205 -1.87 6.02 17.22
CA ASP B 205 -0.73 5.65 18.06
C ASP B 205 -1.19 5.36 19.48
N HIS B 206 -0.49 4.45 20.15
CA HIS B 206 -0.89 4.07 21.49
C HIS B 206 0.09 3.08 22.12
N HIS B 207 -0.06 2.88 23.42
CA HIS B 207 0.67 1.86 24.16
C HIS B 207 -0.34 0.89 24.78
N VAL B 208 0.05 -0.36 24.92
CA VAL B 208 -0.83 -1.35 25.54
C VAL B 208 -0.59 -1.45 27.04
N VAL B 209 -1.59 -1.07 27.82
CA VAL B 209 -1.44 -0.99 29.27
C VAL B 209 -1.93 -2.24 30.00
N ARG B 210 -3.13 -2.70 29.65
CA ARG B 210 -3.76 -3.82 30.34
C ARG B 210 -4.56 -4.71 29.39
N VAL B 211 -4.61 -6.00 29.69
CA VAL B 211 -5.41 -6.96 28.93
C VAL B 211 -6.35 -7.70 29.86
N PRO B 212 -7.66 -7.38 29.81
CA PRO B 212 -8.67 -8.04 30.64
C PRO B 212 -8.91 -9.47 30.17
N HIS B 213 -8.17 -10.40 30.78
CA HIS B 213 -8.16 -11.79 30.35
C HIS B 213 -9.54 -12.45 30.48
N THR B 214 -10.33 -11.96 31.43
CA THR B 214 -11.65 -12.51 31.70
C THR B 214 -12.61 -12.35 30.52
N GLN B 215 -12.30 -11.42 29.62
CA GLN B 215 -13.22 -11.04 28.56
C GLN B 215 -12.98 -11.78 27.25
N ALA B 216 -11.77 -12.30 27.06
CA ALA B 216 -11.41 -13.04 25.83
C ALA B 216 -12.21 -14.34 25.68
N VAL B 217 -12.36 -14.79 24.44
CA VAL B 217 -13.13 -16.00 24.17
C VAL B 217 -12.73 -16.70 22.87
N VAL B 218 -12.44 -17.99 22.95
CA VAL B 218 -12.10 -18.78 21.77
C VAL B 218 -13.32 -18.91 20.85
N LEU B 219 -13.12 -18.62 19.56
CA LEU B 219 -14.24 -18.45 18.64
C LEU B 219 -14.77 -19.74 18.03
N ASN B 220 -13.97 -20.80 18.04
CA ASN B 220 -14.48 -22.10 17.65
C ASN B 220 -13.66 -23.24 18.24
N SER B 221 -14.04 -24.46 17.90
CA SER B 221 -13.45 -25.64 18.51
C SER B 221 -12.33 -26.24 17.68
N LYS B 222 -12.05 -25.64 16.52
CA LYS B 222 -11.08 -26.20 15.57
C LYS B 222 -9.67 -26.34 16.16
N ASP B 223 -8.84 -27.14 15.50
CA ASP B 223 -7.50 -27.47 15.99
C ASP B 223 -6.68 -26.22 16.28
N LYS B 224 -6.65 -25.30 15.31
CA LYS B 224 -5.97 -24.02 15.50
C LYS B 224 -7.00 -22.90 15.53
N ALA B 225 -7.89 -22.95 16.52
CA ALA B 225 -8.95 -21.95 16.64
C ALA B 225 -8.38 -20.59 17.01
N PRO B 226 -9.04 -19.52 16.54
CA PRO B 226 -8.66 -18.13 16.82
C PRO B 226 -9.42 -17.55 18.00
N TYR B 227 -8.69 -16.89 18.88
CA TYR B 227 -9.31 -16.30 20.05
C TYR B 227 -9.46 -14.80 19.89
N LEU B 228 -10.50 -14.26 20.51
CA LEU B 228 -10.76 -12.83 20.48
C LEU B 228 -10.37 -12.23 21.82
N ILE B 229 -9.53 -11.21 21.81
CA ILE B 229 -9.14 -10.58 23.06
C ILE B 229 -9.46 -9.10 23.06
N TYR B 230 -9.66 -8.55 24.26
CA TYR B 230 -9.86 -7.13 24.42
C TYR B 230 -8.60 -6.51 25.02
N VAL B 231 -8.16 -5.39 24.47
CA VAL B 231 -6.92 -4.77 24.91
C VAL B 231 -7.07 -3.30 25.28
N GLU B 232 -6.69 -2.98 26.51
CA GLU B 232 -6.72 -1.60 26.98
C GLU B 232 -5.45 -0.87 26.58
N VAL B 233 -5.61 0.27 25.92
CA VAL B 233 -4.45 1.02 25.45
C VAL B 233 -4.55 2.50 25.81
N LEU B 234 -3.42 3.18 25.73
CA LEU B 234 -3.36 4.62 25.96
C LEU B 234 -2.92 5.33 24.69
N GLU B 235 -3.81 6.14 24.13
CA GLU B 235 -3.53 6.90 22.91
C GLU B 235 -2.47 7.98 23.17
N CYS B 236 -1.77 8.38 22.13
CA CYS B 236 -0.73 9.39 22.29
C CYS B 236 -0.51 10.19 21.00
N GLU B 237 0.28 11.25 21.11
CA GLU B 237 0.61 12.09 19.96
C GLU B 237 1.33 11.27 18.91
N ASN B 238 2.46 10.69 19.32
CA ASN B 238 3.23 9.80 18.45
C ASN B 238 3.89 8.69 19.28
N PHE B 239 3.94 7.49 18.73
CA PHE B 239 4.57 6.37 19.42
C PHE B 239 6.07 6.58 19.52
N ASP B 240 6.68 6.99 18.41
CA ASP B 240 8.13 7.15 18.32
C ASP B 240 8.67 8.15 19.36
N THR B 241 7.86 9.12 19.73
CA THR B 241 8.28 10.18 20.65
C THR B 241 8.20 9.75 22.12
N THR B 242 7.05 9.19 22.50
CA THR B 242 6.76 8.90 23.91
C THR B 242 7.34 7.58 24.38
N SER B 243 7.77 7.54 25.63
CA SER B 243 8.21 6.29 26.25
C SER B 243 7.03 5.62 26.96
N VAL B 244 7.21 4.34 27.31
CA VAL B 244 6.13 3.54 27.89
C VAL B 244 5.48 4.18 29.12
N PRO B 245 4.15 3.98 29.26
CA PRO B 245 3.35 4.48 30.37
C PRO B 245 3.70 3.83 31.71
N ALA B 246 3.18 4.41 32.79
CA ALA B 246 3.43 3.89 34.14
C ALA B 246 2.49 2.74 34.46
N ARG B 247 2.83 1.98 35.51
CA ARG B 247 2.05 0.80 35.88
C ARG B 247 1.29 1.00 37.19
N ILE B 248 0.07 0.48 37.25
CA ILE B 248 -0.74 0.52 38.46
C ILE B 248 -1.59 -0.75 38.58
N PRO B 249 -1.47 -1.45 39.71
CA PRO B 249 -2.13 -2.76 39.90
C PRO B 249 -3.56 -2.63 40.45
N PRO B 258 -15.42 -8.90 41.85
CA PRO B 258 -15.44 -7.52 41.37
C PRO B 258 -15.33 -7.42 39.85
N SER B 259 -16.45 -7.18 39.18
CA SER B 259 -16.48 -7.17 37.72
C SER B 259 -15.97 -8.49 37.17
N ALA B 260 -15.20 -8.42 36.09
CA ALA B 260 -14.55 -9.60 35.50
C ALA B 260 -15.56 -10.70 35.16
N VAL B 261 -16.71 -10.30 34.63
CA VAL B 261 -17.73 -11.25 34.19
C VAL B 261 -17.88 -11.20 32.68
N ALA B 262 -17.93 -12.37 32.05
CA ALA B 262 -17.99 -12.44 30.59
C ALA B 262 -19.41 -12.64 30.08
N LEU B 263 -19.98 -11.62 29.43
CA LEU B 263 -21.32 -11.69 28.88
C LEU B 263 -21.34 -11.39 27.38
N LYS B 264 -22.48 -11.65 26.76
CA LYS B 264 -22.69 -11.29 25.37
C LYS B 264 -23.53 -10.02 25.28
N GLU B 265 -22.88 -8.89 24.98
CA GLU B 265 -23.54 -7.60 25.00
C GLU B 265 -22.94 -6.61 24.00
N PRO B 266 -23.62 -5.47 23.81
CA PRO B 266 -23.17 -4.39 22.92
C PRO B 266 -21.77 -3.90 23.27
N TRP B 267 -21.11 -3.27 22.31
CA TRP B 267 -19.76 -2.77 22.50
C TRP B 267 -19.71 -1.67 23.58
N GLN B 268 -20.66 -0.74 23.52
CA GLN B 268 -20.69 0.39 24.45
C GLN B 268 -20.70 -0.04 25.91
N GLU B 269 -21.33 -1.17 26.19
CA GLU B 269 -21.48 -1.63 27.57
C GLU B 269 -20.27 -2.42 28.06
N LYS B 270 -19.70 -3.25 27.20
CA LYS B 270 -18.50 -4.01 27.57
C LYS B 270 -17.33 -3.07 27.83
N VAL B 271 -17.32 -1.95 27.12
CA VAL B 271 -16.30 -0.93 27.32
C VAL B 271 -16.41 -0.32 28.71
N ARG B 272 -17.65 -0.26 29.21
CA ARG B 272 -17.92 0.35 30.51
C ARG B 272 -17.53 -0.58 31.66
N ARG B 273 -17.98 -1.83 31.59
CA ARG B 273 -17.69 -2.79 32.63
C ARG B 273 -16.20 -3.08 32.72
N ILE B 274 -15.53 -3.08 31.58
CA ILE B 274 -14.10 -3.38 31.56
C ILE B 274 -13.28 -2.24 32.14
N ARG B 275 -13.65 -1.00 31.82
CA ARG B 275 -12.89 0.14 32.30
C ARG B 275 -13.02 0.31 33.81
N GLU B 276 -14.23 0.10 34.32
CA GLU B 276 -14.50 0.24 35.74
C GLU B 276 -13.59 -0.66 36.58
N GLY B 277 -13.25 -1.82 36.03
CA GLY B 277 -12.42 -2.78 36.74
C GLY B 277 -10.95 -2.63 36.44
N SER B 278 -10.60 -1.63 35.63
CA SER B 278 -9.21 -1.40 35.24
C SER B 278 -8.59 -0.23 35.97
N PRO B 279 -7.35 -0.43 36.46
CA PRO B 279 -6.60 0.64 37.14
C PRO B 279 -6.42 1.85 36.22
N TYR B 280 -6.34 1.60 34.92
CA TYR B 280 -6.19 2.67 33.94
C TYR B 280 -7.55 3.17 33.47
N GLY B 281 -8.57 2.96 34.30
CA GLY B 281 -9.93 3.35 33.96
C GLY B 281 -10.31 4.73 34.46
N HIS B 282 -9.34 5.65 34.49
CA HIS B 282 -9.62 7.03 34.90
C HIS B 282 -8.97 8.03 33.95
N LEU B 283 -7.96 7.57 33.20
CA LEU B 283 -7.33 8.42 32.21
C LEU B 283 -8.29 8.71 31.06
N PRO B 284 -8.40 9.99 30.66
CA PRO B 284 -9.18 10.32 29.47
C PRO B 284 -8.52 9.71 28.24
N ASN B 285 -7.24 9.39 28.40
CA ASN B 285 -6.43 8.74 27.38
C ASN B 285 -6.97 7.37 27.00
N TRP B 286 -7.34 6.60 28.02
CA TRP B 286 -7.78 5.22 27.89
C TRP B 286 -8.77 4.99 26.76
N ARG B 287 -8.61 3.86 26.08
CA ARG B 287 -9.53 3.42 25.04
C ARG B 287 -9.38 1.92 24.83
N LEU B 288 -10.47 1.23 24.52
CA LEU B 288 -10.44 -0.21 24.37
C LEU B 288 -10.42 -0.66 22.91
N LEU B 289 -9.64 -1.69 22.63
CA LEU B 289 -9.52 -2.26 21.29
C LEU B 289 -9.84 -3.75 21.30
N SER B 290 -10.25 -4.28 20.15
CA SER B 290 -10.51 -5.71 20.01
C SER B 290 -9.79 -6.29 18.80
N VAL B 291 -9.11 -7.40 19.00
CA VAL B 291 -8.39 -8.06 17.92
C VAL B 291 -8.59 -9.56 17.95
N ILE B 292 -8.75 -10.16 16.78
CA ILE B 292 -8.86 -11.61 16.66
C ILE B 292 -7.49 -12.20 16.35
N VAL B 293 -7.06 -13.17 17.15
CA VAL B 293 -5.73 -13.73 16.95
C VAL B 293 -5.76 -15.17 16.47
N LYS B 294 -5.65 -15.36 15.16
CA LYS B 294 -5.55 -16.71 14.62
C LYS B 294 -4.08 -17.03 14.35
N CYS B 295 -3.62 -18.15 14.90
CA CYS B 295 -2.21 -18.48 14.87
C CYS B 295 -1.87 -19.49 13.79
N GLY B 296 -2.85 -19.82 12.96
CA GLY B 296 -2.64 -20.84 11.93
C GLY B 296 -3.39 -20.62 10.64
N ASP B 297 -3.88 -19.42 10.40
CA ASP B 297 -4.60 -19.15 9.16
C ASP B 297 -3.88 -18.12 8.29
N ASP B 298 -3.84 -18.38 7.00
CA ASP B 298 -3.21 -17.49 6.03
C ASP B 298 -4.14 -16.32 5.73
N LEU B 299 -3.68 -15.10 6.03
CA LEU B 299 -4.53 -13.93 5.92
C LEU B 299 -4.24 -13.10 4.67
N ARG B 300 -3.35 -13.60 3.81
CA ARG B 300 -2.93 -12.85 2.65
C ARG B 300 -4.07 -12.64 1.66
N GLN B 301 -4.81 -13.71 1.36
CA GLN B 301 -6.00 -13.56 0.53
C GLN B 301 -7.02 -12.65 1.21
N GLU B 302 -7.01 -12.66 2.54
CA GLU B 302 -7.93 -11.84 3.33
C GLU B 302 -7.59 -10.36 3.15
N LEU B 303 -6.30 -10.07 3.20
CA LEU B 303 -5.80 -8.71 3.00
C LEU B 303 -6.10 -8.21 1.59
N LEU B 304 -5.83 -9.06 0.61
CA LEU B 304 -6.14 -8.75 -0.78
C LEU B 304 -7.60 -8.32 -0.93
N ALA B 305 -8.49 -9.12 -0.35
CA ALA B 305 -9.92 -8.85 -0.43
C ALA B 305 -10.29 -7.59 0.37
N PHE B 306 -9.43 -7.23 1.31
CA PHE B 306 -9.64 -6.01 2.09
C PHE B 306 -9.43 -4.78 1.22
N GLN B 307 -8.34 -4.78 0.47
CA GLN B 307 -8.03 -3.68 -0.45
C GLN B 307 -9.14 -3.54 -1.47
N VAL B 308 -9.54 -4.66 -2.05
CA VAL B 308 -10.58 -4.69 -3.06
C VAL B 308 -11.88 -4.09 -2.54
N LEU B 309 -12.17 -4.32 -1.26
CA LEU B 309 -13.40 -3.84 -0.64
C LEU B 309 -13.36 -2.33 -0.41
N LYS B 310 -12.23 -1.83 0.07
CA LYS B 310 -12.09 -0.39 0.29
C LYS B 310 -12.22 0.31 -1.05
N GLN B 311 -11.63 -0.30 -2.07
CA GLN B 311 -11.60 0.27 -3.40
C GLN B 311 -13.00 0.36 -4.01
N LEU B 312 -13.76 -0.73 -3.91
CA LEU B 312 -15.15 -0.71 -4.34
C LEU B 312 -15.92 0.30 -3.51
N GLN B 313 -15.60 0.40 -2.22
CA GLN B 313 -16.26 1.33 -1.33
C GLN B 313 -16.04 2.77 -1.76
N SER B 314 -14.78 3.14 -2.03
CA SER B 314 -14.45 4.47 -2.49
C SER B 314 -15.14 4.80 -3.81
N ILE B 315 -15.21 3.80 -4.70
CA ILE B 315 -15.83 4.01 -6.00
C ILE B 315 -17.31 4.33 -5.85
N TRP B 316 -18.02 3.52 -5.06
CA TRP B 316 -19.44 3.73 -4.82
C TRP B 316 -19.72 5.00 -4.04
N GLU B 317 -18.78 5.39 -3.17
CA GLU B 317 -18.94 6.59 -2.38
C GLU B 317 -18.70 7.83 -3.24
N GLN B 318 -17.78 7.71 -4.20
CA GLN B 318 -17.50 8.79 -5.12
C GLN B 318 -18.58 8.86 -6.19
N GLU B 319 -18.92 7.70 -6.75
CA GLU B 319 -19.98 7.62 -7.76
C GLU B 319 -21.36 7.84 -7.16
N ARG B 320 -21.41 8.18 -5.88
CA ARG B 320 -22.65 8.48 -5.17
C ARG B 320 -23.69 7.38 -5.35
N VAL B 321 -23.29 6.12 -5.19
CA VAL B 321 -24.20 4.98 -5.22
C VAL B 321 -24.42 4.47 -3.81
N PRO B 322 -25.67 4.53 -3.32
CA PRO B 322 -26.01 4.19 -1.94
C PRO B 322 -25.84 2.71 -1.61
N LEU B 323 -24.61 2.21 -1.66
CA LEU B 323 -24.31 0.83 -1.27
C LEU B 323 -23.54 0.82 0.05
N TRP B 324 -23.58 -0.31 0.75
CA TRP B 324 -22.97 -0.41 2.08
C TRP B 324 -22.20 -1.71 2.25
N ILE B 325 -20.89 -1.61 2.42
CA ILE B 325 -20.05 -2.76 2.74
C ILE B 325 -19.14 -2.40 3.90
N LYS B 326 -18.68 -3.41 4.63
CA LYS B 326 -17.80 -3.17 5.76
C LYS B 326 -16.57 -4.07 5.69
N PRO B 327 -15.44 -3.50 5.29
CA PRO B 327 -14.18 -4.24 5.27
C PRO B 327 -13.51 -4.16 6.62
N TYR B 328 -12.95 -5.26 7.09
CA TYR B 328 -12.32 -5.29 8.41
C TYR B 328 -10.80 -5.28 8.31
N LYS B 329 -10.18 -4.52 9.20
CA LYS B 329 -8.72 -4.38 9.19
C LYS B 329 -8.02 -5.72 9.33
N ILE B 330 -7.21 -6.06 8.33
CA ILE B 330 -6.44 -7.30 8.37
C ILE B 330 -5.00 -7.01 8.75
N LEU B 331 -4.34 -8.00 9.34
CA LEU B 331 -2.92 -7.90 9.65
C LEU B 331 -2.20 -9.21 9.33
N VAL B 332 -1.06 -9.10 8.64
CA VAL B 332 -0.28 -10.28 8.25
C VAL B 332 1.01 -10.42 9.05
N ILE B 333 1.00 -11.34 10.02
CA ILE B 333 2.18 -11.62 10.84
C ILE B 333 3.16 -12.50 10.07
N SER B 334 2.60 -13.41 9.28
CA SER B 334 3.38 -14.32 8.44
C SER B 334 2.44 -15.07 7.52
N ALA B 335 2.99 -15.93 6.67
CA ALA B 335 2.18 -16.79 5.83
C ALA B 335 1.35 -17.73 6.71
N ASP B 336 1.88 -18.01 7.90
CA ASP B 336 1.21 -18.88 8.85
C ASP B 336 0.08 -18.19 9.59
N SER B 337 0.37 -17.02 10.17
CA SER B 337 -0.55 -16.39 11.12
C SER B 337 -0.98 -14.97 10.77
N GLY B 338 -1.75 -14.38 11.68
CA GLY B 338 -2.23 -13.03 11.52
C GLY B 338 -3.28 -12.66 12.55
N MET B 339 -3.81 -11.44 12.44
CA MET B 339 -4.88 -10.97 13.31
C MET B 339 -5.93 -10.19 12.52
N ILE B 340 -7.13 -10.10 13.09
CA ILE B 340 -8.22 -9.35 12.49
C ILE B 340 -8.77 -8.34 13.49
N GLU B 341 -9.10 -7.14 13.02
CA GLU B 341 -9.82 -6.21 13.86
C GLU B 341 -11.31 -6.42 13.63
N PRO B 342 -11.96 -7.16 14.53
CA PRO B 342 -13.34 -7.64 14.41
C PRO B 342 -14.38 -6.52 14.44
N VAL B 343 -15.47 -6.74 13.72
CA VAL B 343 -16.61 -5.83 13.73
C VAL B 343 -17.50 -6.08 14.95
N VAL B 344 -17.39 -5.21 15.94
CA VAL B 344 -18.19 -5.34 17.17
C VAL B 344 -19.67 -5.11 16.89
N ASN B 345 -20.52 -5.64 17.76
CA ASN B 345 -21.97 -5.54 17.61
C ASN B 345 -22.48 -6.18 16.31
N ALA B 346 -21.95 -7.36 16.01
CA ALA B 346 -22.36 -8.12 14.84
C ALA B 346 -22.01 -9.59 15.04
N VAL B 347 -22.95 -10.49 14.73
CA VAL B 347 -22.69 -11.92 14.85
C VAL B 347 -23.31 -12.68 13.68
N SER B 348 -22.80 -13.89 13.43
CA SER B 348 -23.24 -14.68 12.29
C SER B 348 -24.74 -14.92 12.34
N ILE B 349 -25.34 -15.04 11.16
CA ILE B 349 -26.77 -15.29 11.06
C ILE B 349 -27.10 -16.60 11.75
N HIS B 350 -26.16 -17.53 11.69
CA HIS B 350 -26.31 -18.82 12.35
C HIS B 350 -26.45 -18.64 13.87
N GLN B 351 -25.54 -17.87 14.45
CA GLN B 351 -25.55 -17.62 15.89
C GLN B 351 -26.72 -16.72 16.28
N VAL B 352 -27.35 -16.13 15.28
CA VAL B 352 -28.53 -15.29 15.51
C VAL B 352 -29.78 -16.14 15.45
N LYS B 353 -29.85 -16.98 14.42
CA LYS B 353 -30.97 -17.90 14.27
C LYS B 353 -30.96 -18.94 15.39
N LYS B 354 -29.77 -19.17 15.95
CA LYS B 354 -29.60 -20.20 16.97
C LYS B 354 -30.06 -19.74 18.36
N GLN B 355 -29.52 -18.62 18.84
CA GLN B 355 -29.84 -18.12 20.18
C GLN B 355 -31.33 -17.81 20.35
N SER B 356 -31.96 -17.20 19.35
CA SER B 356 -33.35 -16.82 19.48
C SER B 356 -34.31 -17.82 18.83
N GLN B 357 -33.77 -18.73 18.02
CA GLN B 357 -34.57 -19.72 17.30
C GLN B 357 -35.69 -19.05 16.51
N LEU B 358 -35.30 -18.06 15.71
CA LEU B 358 -36.25 -17.32 14.90
C LEU B 358 -35.83 -17.30 13.44
N SER B 359 -36.72 -16.81 12.58
CA SER B 359 -36.36 -16.51 11.22
C SER B 359 -35.79 -15.10 11.18
N LEU B 360 -34.97 -14.81 10.18
CA LEU B 360 -34.33 -13.52 10.07
C LEU B 360 -35.35 -12.38 10.11
N LEU B 361 -36.44 -12.54 9.35
CA LEU B 361 -37.53 -11.56 9.35
C LEU B 361 -38.19 -11.46 10.72
N ASP B 362 -38.22 -12.56 11.45
CA ASP B 362 -38.75 -12.54 12.81
C ASP B 362 -37.86 -11.69 13.71
N TYR B 363 -36.56 -11.92 13.63
CA TYR B 363 -35.59 -11.20 14.46
C TYR B 363 -35.67 -9.71 14.22
N PHE B 364 -35.78 -9.33 12.94
CA PHE B 364 -35.87 -7.93 12.54
C PHE B 364 -37.05 -7.22 13.21
N LEU B 365 -38.22 -7.81 13.10
CA LEU B 365 -39.45 -7.24 13.64
C LEU B 365 -39.42 -7.13 15.16
N GLN B 366 -38.92 -8.17 15.81
CA GLN B 366 -38.79 -8.16 17.26
C GLN B 366 -37.79 -7.11 17.72
N GLU B 367 -36.61 -7.14 17.12
CA GLU B 367 -35.50 -6.29 17.57
C GLU B 367 -35.67 -4.84 17.16
N HIS B 368 -36.37 -4.60 16.06
CA HIS B 368 -36.53 -3.24 15.54
C HIS B 368 -37.98 -2.75 15.61
N GLY B 369 -38.92 -3.56 15.17
CA GLY B 369 -40.32 -3.20 15.24
C GLY B 369 -41.19 -3.68 14.09
N SER B 370 -42.44 -3.22 14.05
CA SER B 370 -43.38 -3.61 13.00
C SER B 370 -42.91 -3.12 11.65
N TYR B 371 -43.47 -3.66 10.58
CA TYR B 371 -43.15 -3.19 9.23
C TYR B 371 -43.36 -1.68 9.15
N THR B 372 -44.34 -1.19 9.88
CA THR B 372 -44.76 0.21 9.80
C THR B 372 -43.88 1.13 10.64
N THR B 373 -43.20 0.57 11.64
CA THR B 373 -42.30 1.36 12.48
C THR B 373 -41.14 1.92 11.65
N GLU B 374 -40.79 3.17 11.90
CA GLU B 374 -39.69 3.80 11.17
C GLU B 374 -38.37 3.09 11.45
N ALA B 375 -38.24 2.55 12.66
CA ALA B 375 -37.02 1.86 13.06
C ALA B 375 -36.83 0.56 12.31
N PHE B 376 -37.90 0.09 11.68
CA PHE B 376 -37.82 -1.11 10.86
C PHE B 376 -37.46 -0.77 9.43
N LEU B 377 -38.09 0.29 8.92
CA LEU B 377 -37.79 0.79 7.59
C LEU B 377 -36.31 1.09 7.46
N SER B 378 -35.76 1.73 8.48
CA SER B 378 -34.33 2.06 8.51
C SER B 378 -33.49 0.79 8.56
N ALA B 379 -33.92 -0.16 9.38
CA ALA B 379 -33.21 -1.43 9.53
C ALA B 379 -33.35 -2.30 8.28
N GLN B 380 -34.46 -2.16 7.58
CA GLN B 380 -34.68 -2.88 6.33
C GLN B 380 -33.87 -2.25 5.20
N ARG B 381 -33.82 -0.93 5.20
CA ARG B 381 -33.09 -0.18 4.19
C ARG B 381 -31.60 -0.48 4.27
N ASN B 382 -31.11 -0.70 5.49
CA ASN B 382 -29.73 -1.05 5.72
C ASN B 382 -29.42 -2.48 5.30
N PHE B 383 -30.41 -3.36 5.42
CA PHE B 383 -30.24 -4.74 5.04
C PHE B 383 -30.14 -4.86 3.52
N VAL B 384 -30.97 -4.12 2.82
CA VAL B 384 -31.00 -4.13 1.35
C VAL B 384 -29.69 -3.60 0.77
N GLN B 385 -29.34 -2.38 1.15
CA GLN B 385 -28.11 -1.74 0.68
C GLN B 385 -26.90 -2.63 0.93
N SER B 386 -26.73 -3.09 2.17
CA SER B 386 -25.59 -3.93 2.52
C SER B 386 -25.64 -5.28 1.78
N CYS B 387 -26.84 -5.76 1.52
CA CYS B 387 -27.01 -7.04 0.82
C CYS B 387 -26.68 -6.90 -0.65
N ALA B 388 -27.12 -5.79 -1.25
CA ALA B 388 -26.87 -5.53 -2.66
C ALA B 388 -25.39 -5.30 -2.96
N GLY B 389 -24.73 -4.52 -2.10
CA GLY B 389 -23.33 -4.23 -2.28
C GLY B 389 -22.47 -5.48 -2.16
N TYR B 390 -22.78 -6.30 -1.15
CA TYR B 390 -22.01 -7.50 -0.91
C TYR B 390 -22.29 -8.61 -1.92
N CYS B 391 -23.35 -8.45 -2.71
CA CYS B 391 -23.56 -9.36 -3.83
C CYS B 391 -22.51 -9.06 -4.89
N LEU B 392 -22.37 -7.79 -5.23
CA LEU B 392 -21.41 -7.37 -6.24
C LEU B 392 -20.00 -7.70 -5.81
N VAL B 393 -19.77 -7.66 -4.50
CA VAL B 393 -18.47 -7.99 -3.95
C VAL B 393 -18.21 -9.49 -4.11
N CYS B 394 -19.23 -10.31 -3.88
CA CYS B 394 -19.13 -11.75 -4.06
C CYS B 394 -19.03 -12.11 -5.54
N TYR B 395 -19.65 -11.30 -6.38
CA TYR B 395 -19.62 -11.53 -7.82
C TYR B 395 -18.24 -11.21 -8.38
N LEU B 396 -17.82 -9.96 -8.23
CA LEU B 396 -16.58 -9.46 -8.82
C LEU B 396 -15.36 -10.21 -8.31
N LEU B 397 -15.42 -10.67 -7.06
CA LEU B 397 -14.32 -11.43 -6.49
C LEU B 397 -14.54 -12.93 -6.61
N GLN B 398 -15.75 -13.31 -7.01
CA GLN B 398 -16.12 -14.72 -7.04
C GLN B 398 -15.90 -15.34 -5.67
N VAL B 399 -16.54 -14.76 -4.66
CA VAL B 399 -16.43 -15.27 -3.30
C VAL B 399 -17.24 -16.54 -3.14
N LYS B 400 -16.64 -17.58 -2.58
CA LYS B 400 -17.34 -18.83 -2.40
C LYS B 400 -17.47 -19.20 -0.93
N ASP B 401 -18.06 -20.36 -0.66
CA ASP B 401 -18.29 -20.82 0.70
C ASP B 401 -19.18 -19.82 1.44
N ARG B 402 -20.26 -19.41 0.78
CA ARG B 402 -21.16 -18.42 1.35
C ARG B 402 -22.37 -19.06 2.06
N HIS B 403 -22.28 -19.12 3.40
CA HIS B 403 -23.38 -19.60 4.24
C HIS B 403 -23.57 -18.64 5.41
N ASN B 404 -24.59 -18.89 6.23
CA ASN B 404 -24.92 -17.98 7.33
C ASN B 404 -23.90 -18.03 8.47
N GLY B 405 -22.82 -18.77 8.27
CA GLY B 405 -21.73 -18.80 9.23
C GLY B 405 -20.69 -17.74 8.92
N ASN B 406 -20.59 -17.37 7.64
CA ASN B 406 -19.62 -16.39 7.20
C ASN B 406 -20.26 -15.03 6.90
N ILE B 407 -21.51 -14.86 7.35
CA ILE B 407 -22.22 -13.60 7.15
C ILE B 407 -22.72 -13.04 8.48
N LEU B 408 -22.11 -11.95 8.92
CA LEU B 408 -22.49 -11.31 10.17
C LEU B 408 -23.75 -10.47 10.00
N LEU B 409 -24.31 -10.04 11.13
CA LEU B 409 -25.45 -9.14 11.17
C LEU B 409 -25.25 -8.13 12.30
N ASP B 410 -25.30 -6.84 11.99
CA ASP B 410 -25.03 -5.83 12.98
C ASP B 410 -26.30 -5.20 13.54
N ALA B 411 -26.15 -4.37 14.56
CA ALA B 411 -27.28 -3.80 15.29
C ALA B 411 -28.19 -2.94 14.41
N GLU B 412 -27.60 -2.30 13.40
CA GLU B 412 -28.36 -1.40 12.52
C GLU B 412 -29.14 -2.17 11.45
N GLY B 413 -28.65 -3.34 11.07
CA GLY B 413 -29.35 -4.18 10.12
C GLY B 413 -28.53 -4.56 8.89
N HIS B 414 -27.27 -4.14 8.87
CA HIS B 414 -26.40 -4.45 7.73
C HIS B 414 -25.96 -5.91 7.79
N ILE B 415 -25.51 -6.43 6.65
CA ILE B 415 -24.89 -7.74 6.62
C ILE B 415 -23.42 -7.57 6.25
N ILE B 416 -22.55 -8.40 6.81
CA ILE B 416 -21.11 -8.26 6.61
C ILE B 416 -20.43 -9.60 6.37
N HIS B 417 -20.09 -9.89 5.11
CA HIS B 417 -19.47 -11.16 4.77
C HIS B 417 -18.06 -11.25 5.35
N ILE B 418 -17.66 -12.45 5.77
CA ILE B 418 -16.31 -12.65 6.30
C ILE B 418 -15.72 -13.97 5.81
N ASP B 419 -14.42 -14.15 6.08
CA ASP B 419 -13.69 -15.33 5.63
C ASP B 419 -13.61 -15.38 4.09
N PHE B 420 -12.56 -14.80 3.52
CA PHE B 420 -12.49 -14.61 2.07
C PHE B 420 -11.54 -15.56 1.34
N GLY B 421 -11.37 -16.77 1.85
CA GLY B 421 -10.71 -17.81 1.07
C GLY B 421 -11.65 -18.21 -0.05
N PHE B 422 -11.17 -18.98 -1.01
CA PHE B 422 -12.01 -19.45 -2.10
C PHE B 422 -12.58 -18.30 -2.94
N ILE B 423 -11.76 -17.27 -3.17
CA ILE B 423 -12.12 -16.19 -4.10
C ILE B 423 -11.45 -16.41 -5.44
N LEU B 424 -12.16 -16.05 -6.50
CA LEU B 424 -11.58 -16.08 -7.85
C LEU B 424 -11.34 -17.51 -8.32
N SER B 425 -10.07 -17.93 -8.30
CA SER B 425 -9.70 -19.22 -8.86
C SER B 425 -9.92 -20.38 -7.88
N SER B 426 -9.67 -20.14 -6.60
CA SER B 426 -9.70 -21.20 -5.59
C SER B 426 -11.10 -21.74 -5.29
N SER B 427 -11.20 -23.06 -5.16
CA SER B 427 -12.46 -23.72 -4.86
C SER B 427 -12.22 -25.22 -4.66
N PRO B 428 -13.06 -25.87 -3.83
CA PRO B 428 -12.81 -27.29 -3.51
C PRO B 428 -13.46 -28.21 -4.52
N LYS B 439 -25.77 -16.53 -3.66
CA LYS B 439 -27.10 -17.12 -3.68
C LYS B 439 -28.05 -16.39 -2.72
N LEU B 440 -29.28 -16.14 -3.16
CA LEU B 440 -30.28 -15.50 -2.32
C LEU B 440 -31.27 -16.50 -1.75
N THR B 441 -31.13 -16.80 -0.46
CA THR B 441 -32.08 -17.67 0.22
C THR B 441 -33.40 -16.94 0.40
N THR B 442 -34.47 -17.70 0.62
CA THR B 442 -35.79 -17.12 0.84
C THR B 442 -35.78 -16.26 2.10
N GLU B 443 -34.98 -16.68 3.08
CA GLU B 443 -34.88 -15.98 4.35
C GLU B 443 -34.48 -14.52 4.17
N PHE B 444 -33.54 -14.26 3.27
CA PHE B 444 -33.10 -12.89 2.98
C PHE B 444 -34.14 -12.13 2.18
N VAL B 445 -34.73 -12.80 1.20
CA VAL B 445 -35.71 -12.17 0.32
C VAL B 445 -36.96 -11.76 1.10
N ASP B 446 -37.25 -12.49 2.17
CA ASP B 446 -38.38 -12.17 3.01
C ASP B 446 -38.16 -10.85 3.75
N VAL B 447 -36.94 -10.65 4.23
CA VAL B 447 -36.58 -9.42 4.94
C VAL B 447 -36.74 -8.21 4.03
N MET B 448 -36.57 -8.43 2.72
CA MET B 448 -36.65 -7.35 1.76
C MET B 448 -38.07 -7.13 1.26
N GLY B 449 -39.01 -7.85 1.85
CA GLY B 449 -40.42 -7.66 1.53
C GLY B 449 -40.96 -8.61 0.50
N GLY B 450 -40.09 -9.44 -0.07
CA GLY B 450 -40.51 -10.44 -1.04
C GLY B 450 -40.16 -10.09 -2.47
N LEU B 451 -40.22 -11.07 -3.35
CA LEU B 451 -39.78 -10.93 -4.74
C LEU B 451 -40.39 -9.74 -5.47
N ASP B 452 -41.64 -9.40 -5.15
CA ASP B 452 -42.30 -8.31 -5.84
C ASP B 452 -42.53 -7.10 -4.94
N GLY B 453 -41.86 -7.10 -3.78
CA GLY B 453 -41.87 -5.94 -2.92
C GLY B 453 -41.09 -4.80 -3.57
N ASP B 454 -41.49 -3.56 -3.30
CA ASP B 454 -40.80 -2.41 -3.86
C ASP B 454 -39.34 -2.38 -3.40
N MET B 455 -39.14 -2.69 -2.13
CA MET B 455 -37.80 -2.70 -1.56
C MET B 455 -36.88 -3.76 -2.17
N PHE B 456 -37.45 -4.70 -2.94
CA PHE B 456 -36.62 -5.71 -3.58
C PHE B 456 -36.15 -5.21 -4.94
N ASN B 457 -37.01 -4.47 -5.64
CA ASN B 457 -36.60 -3.78 -6.85
C ASN B 457 -35.44 -2.86 -6.53
N TYR B 458 -35.54 -2.18 -5.40
CA TYR B 458 -34.50 -1.28 -4.94
C TYR B 458 -33.17 -2.02 -4.76
N TYR B 459 -33.25 -3.29 -4.36
CA TYR B 459 -32.06 -4.14 -4.21
C TYR B 459 -31.41 -4.45 -5.53
N LYS B 460 -32.23 -4.82 -6.52
CA LYS B 460 -31.71 -5.10 -7.86
C LYS B 460 -31.22 -3.81 -8.51
N MET B 461 -31.86 -2.70 -8.14
CA MET B 461 -31.52 -1.39 -8.70
C MET B 461 -30.14 -0.91 -8.26
N LEU B 462 -29.78 -1.21 -7.02
CA LEU B 462 -28.51 -0.75 -6.46
C LEU B 462 -27.33 -1.47 -7.10
N MET B 463 -27.55 -2.73 -7.48
CA MET B 463 -26.51 -3.54 -8.10
C MET B 463 -26.11 -2.96 -9.45
N LEU B 464 -27.11 -2.63 -10.27
CA LEU B 464 -26.86 -1.97 -11.55
C LEU B 464 -26.06 -0.69 -11.33
N GLN B 465 -26.64 0.25 -10.59
CA GLN B 465 -25.95 1.49 -10.25
C GLN B 465 -24.59 1.22 -9.64
N GLY B 466 -24.52 0.19 -8.80
CA GLY B 466 -23.26 -0.18 -8.18
C GLY B 466 -22.28 -0.76 -9.18
N LEU B 467 -22.77 -1.67 -10.02
CA LEU B 467 -21.94 -2.32 -11.02
C LEU B 467 -21.50 -1.35 -12.12
N ILE B 468 -22.39 -0.42 -12.47
CA ILE B 468 -22.12 0.58 -13.49
C ILE B 468 -20.99 1.50 -13.06
N ALA B 469 -21.06 1.96 -11.81
CA ALA B 469 -20.02 2.82 -11.26
C ALA B 469 -18.73 2.03 -11.08
N ALA B 470 -18.86 0.71 -10.94
CA ALA B 470 -17.70 -0.15 -10.81
C ALA B 470 -16.98 -0.25 -12.15
N ARG B 471 -17.74 -0.25 -13.24
CA ARG B 471 -17.16 -0.26 -14.58
C ARG B 471 -16.34 1.00 -14.80
N LYS B 472 -16.90 2.14 -14.38
CA LYS B 472 -16.27 3.43 -14.59
C LYS B 472 -14.94 3.57 -13.86
N HIS B 473 -14.63 2.65 -12.95
CA HIS B 473 -13.35 2.68 -12.25
C HIS B 473 -12.69 1.30 -12.19
N MET B 474 -13.04 0.43 -13.14
CA MET B 474 -12.49 -0.92 -13.21
C MET B 474 -10.97 -0.94 -13.15
N ASP B 475 -10.38 0.11 -13.71
CA ASP B 475 -8.94 0.27 -13.76
C ASP B 475 -8.28 0.21 -12.38
N LYS B 476 -8.85 0.92 -11.41
CA LYS B 476 -8.24 0.97 -10.08
C LYS B 476 -8.32 -0.37 -9.36
N VAL B 477 -9.49 -1.00 -9.44
CA VAL B 477 -9.72 -2.27 -8.77
C VAL B 477 -8.80 -3.38 -9.26
N VAL B 478 -8.88 -3.68 -10.56
CA VAL B 478 -8.11 -4.74 -11.18
C VAL B 478 -6.61 -4.64 -10.88
N GLN B 479 -6.12 -3.41 -10.82
CA GLN B 479 -4.71 -3.13 -10.53
C GLN B 479 -4.27 -3.76 -9.21
N ILE B 480 -5.18 -3.75 -8.25
CA ILE B 480 -4.92 -4.30 -6.92
C ILE B 480 -4.60 -5.78 -7.00
N VAL B 481 -5.46 -6.52 -7.69
CA VAL B 481 -5.32 -7.96 -7.80
C VAL B 481 -4.14 -8.34 -8.68
N GLU B 482 -4.07 -7.73 -9.87
CA GLU B 482 -3.07 -8.06 -10.88
C GLU B 482 -1.64 -7.99 -10.35
N ILE B 483 -1.33 -6.96 -9.59
CA ILE B 483 0.00 -6.82 -9.00
C ILE B 483 0.26 -7.91 -7.98
N MET B 484 -0.74 -8.19 -7.14
CA MET B 484 -0.59 -9.18 -6.09
C MET B 484 -0.34 -10.59 -6.64
N GLN B 485 -0.91 -10.90 -7.80
CA GLN B 485 -0.74 -12.21 -8.42
C GLN B 485 0.73 -12.50 -8.71
N GLN B 486 1.51 -11.45 -8.90
CA GLN B 486 2.94 -11.57 -9.20
C GLN B 486 3.69 -12.35 -8.13
N GLY B 487 4.16 -13.54 -8.48
CA GLY B 487 4.96 -14.35 -7.58
C GLY B 487 4.18 -14.90 -6.40
N SER B 488 2.89 -15.19 -6.61
CA SER B 488 2.06 -15.74 -5.55
C SER B 488 1.81 -17.22 -5.74
N GLN B 489 2.10 -17.99 -4.71
CA GLN B 489 1.74 -19.40 -4.69
C GLN B 489 0.34 -19.53 -4.10
N LEU B 490 -0.33 -18.40 -3.94
CA LEU B 490 -1.69 -18.36 -3.42
C LEU B 490 -2.65 -19.15 -4.30
N PRO B 491 -3.67 -19.76 -3.69
CA PRO B 491 -4.68 -20.57 -4.37
C PRO B 491 -5.53 -19.77 -5.37
N CYS B 492 -5.81 -18.51 -5.06
CA CYS B 492 -6.72 -17.70 -5.87
C CYS B 492 -6.13 -17.33 -7.24
N PHE B 493 -4.86 -17.69 -7.46
CA PHE B 493 -4.23 -17.41 -8.74
C PHE B 493 -3.87 -18.71 -9.47
N HIS B 494 -4.67 -19.75 -9.23
CA HIS B 494 -4.41 -21.08 -9.79
C HIS B 494 -4.40 -21.05 -11.32
N GLY B 495 -5.54 -20.70 -11.91
CA GLY B 495 -5.62 -20.59 -13.35
C GLY B 495 -4.66 -19.54 -13.87
N SER B 496 -4.01 -19.84 -14.99
CA SER B 496 -3.07 -18.92 -15.60
C SER B 496 -3.74 -17.58 -15.90
N SER B 497 -4.98 -17.66 -16.37
CA SER B 497 -5.75 -16.47 -16.67
C SER B 497 -6.86 -16.26 -15.63
N THR B 498 -6.49 -15.65 -14.51
CA THR B 498 -7.48 -15.28 -13.50
C THR B 498 -7.94 -13.85 -13.76
N ILE B 499 -6.99 -12.96 -14.01
CA ILE B 499 -7.27 -11.56 -14.29
C ILE B 499 -8.23 -11.38 -15.47
N ARG B 500 -8.17 -12.32 -16.41
CA ARG B 500 -9.11 -12.33 -17.54
C ARG B 500 -10.55 -12.32 -17.04
N ASN B 501 -10.91 -13.35 -16.27
CA ASN B 501 -12.26 -13.48 -15.75
C ASN B 501 -12.65 -12.28 -14.88
N LEU B 502 -11.68 -11.77 -14.13
CA LEU B 502 -11.88 -10.60 -13.30
C LEU B 502 -12.32 -9.41 -14.15
N LYS B 503 -11.45 -9.03 -15.10
CA LYS B 503 -11.78 -7.98 -16.06
C LYS B 503 -13.07 -8.30 -16.80
N GLU B 504 -13.16 -9.53 -17.28
CA GLU B 504 -14.30 -9.97 -18.07
C GLU B 504 -15.61 -9.92 -17.26
N ARG B 505 -15.49 -9.97 -15.94
CA ARG B 505 -16.66 -9.92 -15.07
C ARG B 505 -17.25 -8.52 -14.96
N PHE B 506 -16.50 -7.52 -15.40
CA PHE B 506 -16.99 -6.15 -15.38
C PHE B 506 -17.90 -5.91 -16.58
N HIS B 507 -17.61 -6.59 -17.67
CA HIS B 507 -18.39 -6.47 -18.89
C HIS B 507 -18.37 -5.04 -19.42
N MET B 508 -17.17 -4.54 -19.69
CA MET B 508 -17.00 -3.18 -20.19
C MET B 508 -17.65 -3.03 -21.57
N SER B 509 -17.76 -4.14 -22.30
CA SER B 509 -18.28 -4.11 -23.67
C SER B 509 -19.80 -3.93 -23.70
N MET B 510 -20.46 -4.29 -22.60
CA MET B 510 -21.92 -4.28 -22.56
C MET B 510 -22.50 -2.87 -22.48
N THR B 511 -23.69 -2.71 -23.04
CA THR B 511 -24.43 -1.47 -22.92
C THR B 511 -25.18 -1.45 -21.59
N GLU B 512 -25.71 -0.29 -21.23
CA GLU B 512 -26.46 -0.17 -19.98
C GLU B 512 -27.69 -1.07 -20.01
N GLU B 513 -28.37 -1.11 -21.15
CA GLU B 513 -29.55 -1.96 -21.28
C GLU B 513 -29.15 -3.43 -21.14
N GLN B 514 -28.13 -3.85 -21.87
CA GLN B 514 -27.62 -5.22 -21.75
C GLN B 514 -27.11 -5.49 -20.35
N LEU B 515 -26.57 -4.45 -19.71
CA LEU B 515 -26.09 -4.56 -18.35
C LEU B 515 -27.25 -4.83 -17.39
N GLN B 516 -28.39 -4.21 -17.67
CA GLN B 516 -29.59 -4.40 -16.85
C GLN B 516 -30.12 -5.82 -16.98
N LEU B 517 -30.04 -6.36 -18.19
CA LEU B 517 -30.46 -7.74 -18.44
C LEU B 517 -29.56 -8.73 -17.70
N LEU B 518 -28.27 -8.45 -17.63
CA LEU B 518 -27.33 -9.34 -16.96
C LEU B 518 -27.58 -9.39 -15.46
N VAL B 519 -27.91 -8.23 -14.89
CA VAL B 519 -28.20 -8.14 -13.47
C VAL B 519 -29.43 -8.97 -13.11
N GLU B 520 -30.49 -8.83 -13.90
CA GLU B 520 -31.72 -9.60 -13.69
C GLU B 520 -31.44 -11.10 -13.80
N GLN B 521 -30.77 -11.50 -14.87
CA GLN B 521 -30.45 -12.92 -15.09
C GLN B 521 -29.60 -13.47 -13.96
N MET B 522 -28.69 -12.65 -13.44
CA MET B 522 -27.80 -13.05 -12.36
C MET B 522 -28.54 -13.20 -11.03
N VAL B 523 -29.53 -12.35 -10.80
CA VAL B 523 -30.34 -12.40 -9.58
C VAL B 523 -31.18 -13.68 -9.55
N ASP B 524 -31.65 -14.08 -10.72
CA ASP B 524 -32.39 -15.31 -10.89
C ASP B 524 -31.53 -16.52 -10.53
N GLY B 525 -30.32 -16.57 -11.09
CA GLY B 525 -29.40 -17.65 -10.82
C GLY B 525 -28.95 -17.66 -9.37
N SER B 526 -29.07 -16.50 -8.73
CA SER B 526 -28.77 -16.35 -7.32
C SER B 526 -29.69 -17.26 -6.49
N MET B 527 -30.93 -17.42 -6.97
CA MET B 527 -31.91 -18.24 -6.27
C MET B 527 -31.98 -19.64 -6.87
PB GDP C . 23.44 9.12 -21.55
O1B GDP C . 24.62 10.06 -21.60
O2B GDP C . 23.75 8.01 -20.59
O3B GDP C . 23.20 8.53 -22.92
O3A GDP C . 22.13 9.92 -21.05
PA GDP C . 20.65 9.32 -21.23
O1A GDP C . 19.89 10.12 -22.27
O2A GDP C . 20.70 7.87 -21.63
O5' GDP C . 19.96 9.48 -19.79
C5' GDP C . 19.44 8.31 -19.16
C4' GDP C . 18.11 8.62 -18.48
O4' GDP C . 18.28 9.56 -17.41
C3' GDP C . 17.13 9.24 -19.47
O3' GDP C . 16.06 8.33 -19.75
C2' GDP C . 16.59 10.49 -18.78
O2' GDP C . 15.15 10.52 -18.78
C1' GDP C . 17.13 10.39 -17.36
N9 GDP C . 17.49 11.74 -16.88
C8 GDP C . 18.43 12.56 -17.38
N7 GDP C . 18.50 13.73 -16.70
C5 GDP C . 17.57 13.67 -15.72
C6 GDP C . 17.10 14.56 -14.64
O6 GDP C . 17.61 15.68 -14.47
N1 GDP C . 16.11 14.11 -13.84
C2 GDP C . 15.55 12.89 -14.01
N2 GDP C . 14.56 12.51 -13.16
N3 GDP C . 15.93 12.03 -14.98
C4 GDP C . 16.91 12.36 -15.85
S SO4 D . -28.41 -21.45 9.73
O1 SO4 D . -27.98 -20.10 10.05
O2 SO4 D . -27.42 -22.07 8.84
O3 SO4 D . -28.51 -22.23 10.96
O4 SO4 D . -29.70 -21.41 9.07
S SO4 E . 17.71 -6.88 -0.29
O1 SO4 E . 18.70 -5.85 0.06
O2 SO4 E . 17.24 -6.62 -1.65
O3 SO4 E . 18.32 -8.20 -0.20
O4 SO4 E . 16.57 -6.83 0.63
CAB 5S8 F . -16.56 -18.37 10.90
CAC 5S8 F . -17.25 -17.99 12.04
CAD 5S8 F . -16.59 -17.37 13.08
CAE 5S8 F . -15.19 -18.12 10.80
CAF 5S8 F . -14.52 -17.49 11.85
CAG 5S8 F . -15.21 -17.12 12.99
CAL 5S8 F . -13.81 -13.49 12.40
CAM 5S8 F . -13.08 -14.42 11.63
CAN 5S8 F . -12.87 -14.19 10.25
CAP 5S8 F . -11.21 -14.64 8.46
CAQ 5S8 F . -14.34 -12.33 11.81
CAR 5S8 F . -14.14 -12.09 10.44
CAS 5S8 F . -13.40 -13.03 9.67
CAT 5S8 F . -15.16 -11.33 12.69
CAU 5S8 F . -15.36 -9.90 12.46
CAV 5S8 F . -14.83 -9.11 11.32
CAY 5S8 F . -16.60 -10.39 14.58
NAH 5S8 F . -13.10 -17.24 11.75
NAX 5S8 F . -17.39 -10.22 15.78
NAZ 5S8 F . -16.27 -9.33 13.66
OAA 5S8 F . -18.64 -18.24 12.14
OAI 5S8 F . -12.55 -15.86 13.84
OAK 5S8 F . -11.00 -15.92 12.30
OAO 5S8 F . -12.10 -15.16 9.48
SAJ 5S8 F . -12.41 -15.89 12.41
SAW 5S8 F . -15.90 -11.69 14.01
CBA 5S8 F . -18.07 -11.30 16.52
CBC 5S8 F . -18.04 -12.77 16.11
CBD 5S8 F . -18.82 -13.09 14.85
CBE 5S8 F . -18.72 -13.68 17.09
CBF 5S8 F . -18.80 -14.95 16.35
CBG 5S8 F . -19.44 -14.49 15.08
OBB 5S8 F . -18.70 -10.99 17.52
HAB 5S8 F . -17.02 -18.81 10.17
HAD 5S8 F . -17.07 -17.11 13.89
HAE 5S8 F . -14.70 -18.39 10.00
HAG 5S8 F . -14.74 -16.68 13.72
HAL 5S8 F . -13.96 -13.66 13.36
HAP 5S8 F . -11.64 -13.89 8.00
HAQ 5S8 F . -11.01 -15.35 7.80
HAR 5S8 F . -10.37 -14.32 8.87
HAS 5S8 F . -14.51 -11.29 10.02
HAT 5S8 F . -13.25 -12.86 8.71
HAV 5S8 F . -14.89 -8.15 11.52
HAW 5S8 F . -15.34 -9.31 10.51
HAX 5S8 F . -13.89 -9.34 11.17
HAH 5S8 F . -12.57 -17.84 11.31
HBL 5S8 F . -17.47 -9.39 16.11
HAA 5S8 F . -19.00 -18.28 11.32
HBC 5S8 F . -17.07 -12.93 16.04
HBD 5S8 F . -19.54 -12.42 14.72
HBE 5S8 F . -18.23 -13.10 14.08
HBF 5S8 F . -18.18 -13.78 17.91
HBG 5S8 F . -19.62 -13.35 17.31
HBH 5S8 F . -19.37 -15.59 16.80
HBI 5S8 F . -17.90 -15.31 16.18
HBJ 5S8 F . -20.42 -14.43 15.19
HBK 5S8 F . -19.21 -15.10 14.34
#